data_1MMU
#
_entry.id   1MMU
#
_cell.length_a   44.200
_cell.length_b   75.600
_cell.length_c   209.500
_cell.angle_alpha   90.00
_cell.angle_beta   90.00
_cell.angle_gamma   90.00
#
_symmetry.space_group_name_H-M   'P 21 21 21'
#
loop_
_entity.id
_entity.type
_entity.pdbx_description
1 polymer 'Aldose 1-epimerase'
2 non-polymer beta-D-glucopyranose
3 non-polymer 'SODIUM ION'
4 water water
#
_entity_poly.entity_id   1
_entity_poly.type   'polypeptide(L)'
_entity_poly.pdbx_seq_one_letter_code
;MSIKIRDFGLGSDLISLTNKAGVTISFTNLGARIVDWQKDGKHLILGFDSAKEYLEKDAYPGATVGPTAGRIKDGLVKIS
GKDYILNQNEGPQTLHGGEESIHTKLWTYEVTDLGAEVQVKFSLVSNDGTNGYPGKIEMSVTHSFDDDNKWKIHYEAISD
KDTVFNPTGHVYFNLNGDASESVENHGLRLAASRFVPLKDQTEIVRGDIVDIKNTDLDFRQEKQLSNAFNSNMEQVQLVK
GIDHPFLLDQLGLDKEQARLTLDDTSISVFTDQPSIVIFTANFGDLGTLYHEKKQVHHGGITFECQVSPGSEQIPELGDI
SLKAGEKYQATTIYSLHTKLEHHHHHH
;
_entity_poly.pdbx_strand_id   A,B
#
loop_
_chem_comp.id
_chem_comp.type
_chem_comp.name
_chem_comp.formula
BGC D-saccharide, beta linking beta-D-glucopyranose 'C6 H12 O6'
NA non-polymer 'SODIUM ION' 'Na 1'
#
# COMPACT_ATOMS: atom_id res chain seq x y z
N SER A 2 16.90 23.13 -4.80
CA SER A 2 17.52 21.95 -4.23
C SER A 2 16.49 20.90 -3.79
N ILE A 3 16.84 19.62 -4.01
CA ILE A 3 16.02 18.47 -3.63
C ILE A 3 16.83 17.57 -2.70
N LYS A 4 16.17 17.14 -1.66
CA LYS A 4 16.79 16.23 -0.73
C LYS A 4 15.73 15.21 -0.34
N ILE A 5 16.14 13.96 -0.32
CA ILE A 5 15.25 12.86 0.13
C ILE A 5 15.88 12.10 1.30
N ARG A 6 15.13 11.85 2.36
CA ARG A 6 15.70 11.08 3.46
C ARG A 6 14.64 10.17 4.07
N ASP A 7 15.10 9.29 4.93
CA ASP A 7 14.20 8.40 5.62
C ASP A 7 13.35 9.24 6.57
N PHE A 8 12.05 9.01 6.54
CA PHE A 8 11.11 9.72 7.40
C PHE A 8 10.51 8.79 8.47
N GLY A 9 10.90 7.49 8.40
CA GLY A 9 10.44 6.51 9.35
C GLY A 9 9.47 5.49 8.80
N LEU A 10 9.60 4.28 9.39
CA LEU A 10 8.79 3.12 9.06
C LEU A 10 8.88 2.78 7.56
N GLY A 11 9.99 3.15 6.91
CA GLY A 11 10.16 2.91 5.49
C GLY A 11 9.66 4.09 4.64
N SER A 12 9.11 5.10 5.29
CA SER A 12 8.62 6.25 4.56
C SER A 12 9.75 7.19 4.21
N ASP A 13 9.54 7.97 3.16
CA ASP A 13 10.50 8.99 2.71
C ASP A 13 9.96 10.39 2.92
N LEU A 14 10.95 11.28 3.08
CA LEU A 14 10.71 12.70 3.19
C LEU A 14 11.40 13.37 2.00
N ILE A 15 10.63 14.04 1.13
CA ILE A 15 11.21 14.73 -0.01
C ILE A 15 11.12 16.23 0.29
N SER A 16 12.26 16.91 0.46
CA SER A 16 12.33 18.33 0.78
C SER A 16 12.79 19.15 -0.41
N LEU A 17 11.96 20.15 -0.75
CA LEU A 17 12.19 21.08 -1.87
C LEU A 17 12.44 22.52 -1.38
N THR A 18 13.56 23.08 -1.84
CA THR A 18 13.91 24.44 -1.51
C THR A 18 13.92 25.16 -2.83
N ASN A 19 13.17 26.27 -2.89
CA ASN A 19 13.08 27.01 -4.13
C ASN A 19 14.16 28.05 -4.19
N LYS A 20 14.20 28.83 -5.25
CA LYS A 20 15.24 29.83 -5.41
C LYS A 20 15.22 30.88 -4.31
N ALA A 21 14.04 31.18 -3.80
CA ALA A 21 13.87 32.17 -2.75
C ALA A 21 14.30 31.62 -1.38
N GLY A 22 14.62 30.32 -1.31
CA GLY A 22 15.06 29.71 -0.07
C GLY A 22 13.90 29.25 0.80
N VAL A 23 12.74 29.14 0.19
CA VAL A 23 11.59 28.67 0.95
C VAL A 23 11.61 27.16 0.89
N THR A 24 11.32 26.50 2.00
CA THR A 24 11.30 25.04 2.02
C THR A 24 9.92 24.44 2.25
N ILE A 25 9.66 23.35 1.50
CA ILE A 25 8.39 22.61 1.57
C ILE A 25 8.78 21.11 1.52
N SER A 26 8.04 20.27 2.24
CA SER A 26 8.39 18.87 2.22
C SER A 26 7.11 18.04 2.27
N PHE A 27 7.25 16.86 1.65
CA PHE A 27 6.21 15.86 1.56
C PHE A 27 6.75 14.47 1.85
N THR A 28 5.83 13.58 2.21
CA THR A 28 6.19 12.21 2.48
C THR A 28 5.26 11.30 1.70
N ASN A 29 5.75 10.13 1.29
CA ASN A 29 4.90 9.21 0.59
C ASN A 29 3.88 8.54 1.54
N LEU A 30 3.99 8.75 2.84
CA LEU A 30 2.99 8.18 3.73
C LEU A 30 1.73 9.08 3.62
N GLY A 31 0.77 8.68 2.78
CA GLY A 31 -0.42 9.49 2.63
C GLY A 31 -0.27 10.63 1.59
N ALA A 32 0.76 10.60 0.69
CA ALA A 32 0.97 11.67 -0.34
C ALA A 32 0.68 12.98 0.34
N ARG A 33 1.46 13.21 1.40
CA ARG A 33 1.25 14.26 2.31
C ARG A 33 2.31 15.38 2.47
N ILE A 34 1.80 16.61 2.71
CA ILE A 34 2.67 17.75 2.98
C ILE A 34 3.05 17.66 4.48
N VAL A 35 4.33 17.73 4.77
CA VAL A 35 4.86 17.60 6.13
C VAL A 35 5.22 18.95 6.73
N ASP A 36 5.86 19.80 5.92
CA ASP A 36 6.26 21.16 6.40
C ASP A 36 6.34 22.15 5.28
N TRP A 37 6.26 23.39 5.69
CA TRP A 37 6.29 24.57 4.81
C TRP A 37 6.81 25.70 5.68
N GLN A 38 8.01 26.16 5.37
CA GLN A 38 8.66 27.18 6.17
C GLN A 38 9.33 28.29 5.38
N LYS A 39 9.30 29.47 5.97
CA LYS A 39 9.96 30.63 5.38
C LYS A 39 10.72 31.29 6.49
N ASP A 40 12.00 31.62 6.21
CA ASP A 40 12.83 32.29 7.19
C ASP A 40 12.80 31.60 8.53
N GLY A 41 12.77 30.25 8.47
CA GLY A 41 12.78 29.39 9.65
C GLY A 41 11.47 29.37 10.42
N LYS A 42 10.39 29.87 9.82
CA LYS A 42 9.14 29.87 10.53
C LYS A 42 8.18 28.94 9.82
N HIS A 43 7.55 28.03 10.59
CA HIS A 43 6.57 27.09 9.98
C HIS A 43 5.28 27.81 9.55
N LEU A 44 4.68 27.46 8.39
CA LEU A 44 3.42 28.06 7.93
C LEU A 44 2.22 27.15 8.18
N ILE A 45 2.54 25.86 8.35
CA ILE A 45 1.55 24.80 8.55
C ILE A 45 1.88 23.92 9.71
N LEU A 46 0.96 23.01 10.05
CA LEU A 46 1.23 22.10 11.13
C LEU A 46 1.75 20.78 10.56
N GLY A 47 2.68 20.19 11.30
CA GLY A 47 3.25 18.92 10.86
C GLY A 47 4.05 18.29 11.97
N PHE A 48 4.41 17.03 11.77
CA PHE A 48 5.18 16.23 12.71
C PHE A 48 6.58 16.01 12.17
N ASP A 49 7.40 15.33 12.95
CA ASP A 49 8.79 15.08 12.66
C ASP A 49 9.18 13.72 12.17
N SER A 50 8.22 12.79 12.14
CA SER A 50 8.46 11.43 11.66
C SER A 50 7.14 10.74 11.36
N ALA A 51 7.25 9.61 10.62
CA ALA A 51 6.11 8.77 10.23
C ALA A 51 5.27 8.31 11.42
N LYS A 52 5.94 7.84 12.49
CA LYS A 52 5.22 7.34 13.67
C LYS A 52 4.22 8.31 14.28
N GLU A 53 4.62 9.58 14.31
CA GLU A 53 3.79 10.63 14.87
C GLU A 53 2.45 10.72 14.20
N TYR A 54 2.47 10.67 12.86
CA TYR A 54 1.25 10.74 12.14
C TYR A 54 0.37 9.52 12.48
N LEU A 55 1.00 8.35 12.47
CA LEU A 55 0.30 7.13 12.75
C LEU A 55 -0.12 7.02 14.19
N GLU A 56 0.64 7.63 15.05
CA GLU A 56 0.28 7.53 16.44
C GLU A 56 -0.56 8.68 16.95
N LYS A 57 -0.28 9.88 16.47
CA LYS A 57 -0.99 11.07 16.92
C LYS A 57 -2.28 11.45 16.17
N ASP A 58 -2.16 11.73 14.88
CA ASP A 58 -3.29 12.12 14.05
C ASP A 58 -2.79 11.88 12.64
N ALA A 59 -3.47 11.04 11.90
CA ALA A 59 -3.01 10.73 10.55
C ALA A 59 -3.55 11.63 9.47
N TYR A 60 -4.36 12.57 9.87
CA TYR A 60 -4.96 13.41 8.83
C TYR A 60 -4.17 14.63 8.40
N PRO A 61 -3.49 15.28 9.34
CA PRO A 61 -2.80 16.51 8.99
C PRO A 61 -1.87 16.43 7.76
N GLY A 62 -2.13 17.31 6.77
CA GLY A 62 -1.30 17.40 5.54
C GLY A 62 -1.59 16.31 4.51
N ALA A 63 -2.36 15.32 4.89
CA ALA A 63 -2.60 14.20 3.99
C ALA A 63 -3.55 14.36 2.81
N THR A 64 -3.36 13.46 1.87
CA THR A 64 -4.29 13.33 0.80
C THR A 64 -5.34 12.41 1.46
N VAL A 65 -6.63 12.83 1.53
CA VAL A 65 -7.69 12.00 2.13
C VAL A 65 -8.70 11.57 1.03
N GLY A 66 -9.23 10.36 1.13
CA GLY A 66 -10.15 9.87 0.14
C GLY A 66 -10.37 8.38 0.33
N PRO A 67 -10.99 7.72 -0.67
CA PRO A 67 -11.42 8.29 -1.95
C PRO A 67 -12.47 9.38 -1.88
N THR A 68 -13.25 9.44 -0.79
CA THR A 68 -14.19 10.54 -0.69
C THR A 68 -13.85 11.28 0.61
N ALA A 69 -13.68 12.59 0.48
CA ALA A 69 -13.36 13.48 1.60
C ALA A 69 -14.64 13.85 2.36
N GLY A 70 -14.56 13.90 3.66
CA GLY A 70 -15.77 14.28 4.36
C GLY A 70 -16.58 13.12 4.90
N ARG A 71 -17.71 13.48 5.47
CA ARG A 71 -18.58 12.48 6.05
C ARG A 71 -19.71 12.04 5.11
N ILE A 72 -19.82 10.71 4.98
CA ILE A 72 -20.91 10.11 4.21
C ILE A 72 -21.86 9.43 5.20
N LYS A 73 -23.10 9.97 5.24
CA LYS A 73 -24.15 9.53 6.13
C LYS A 73 -24.40 8.05 6.04
N ASP A 74 -24.34 7.37 7.18
CA ASP A 74 -24.58 5.92 7.25
C ASP A 74 -23.64 5.09 6.36
N GLY A 75 -22.58 5.74 5.87
CA GLY A 75 -21.66 5.06 4.97
C GLY A 75 -22.32 4.67 3.63
N LEU A 76 -23.43 5.31 3.28
CA LEU A 76 -24.15 4.97 2.06
C LEU A 76 -24.01 5.82 0.81
N VAL A 77 -23.62 5.19 -0.30
CA VAL A 77 -23.59 5.92 -1.57
C VAL A 77 -24.40 5.12 -2.60
N LYS A 78 -24.93 5.75 -3.62
CA LYS A 78 -25.69 4.98 -4.57
C LYS A 78 -24.85 4.90 -5.81
N ILE A 79 -24.65 3.68 -6.31
CA ILE A 79 -23.84 3.48 -7.51
C ILE A 79 -24.65 2.65 -8.49
N SER A 80 -24.86 3.24 -9.65
CA SER A 80 -25.67 2.57 -10.64
C SER A 80 -26.96 2.02 -10.02
N GLY A 81 -27.69 2.92 -9.35
CA GLY A 81 -28.96 2.68 -8.69
C GLY A 81 -28.88 1.73 -7.53
N LYS A 82 -27.68 1.29 -7.26
CA LYS A 82 -27.50 0.36 -6.20
C LYS A 82 -26.84 0.96 -4.97
N ASP A 83 -27.31 0.56 -3.80
CA ASP A 83 -26.70 1.06 -2.59
C ASP A 83 -25.42 0.28 -2.31
N TYR A 84 -24.44 1.02 -1.77
CA TYR A 84 -23.13 0.47 -1.37
C TYR A 84 -22.77 1.04 -0.01
N ILE A 85 -22.41 0.15 0.95
CA ILE A 85 -22.03 0.61 2.30
C ILE A 85 -20.50 0.61 2.32
N LEU A 86 -19.95 1.79 2.55
CA LEU A 86 -18.52 1.98 2.64
C LEU A 86 -18.14 1.69 4.06
N ASN A 87 -16.86 1.49 4.26
CA ASN A 87 -16.38 1.23 5.59
C ASN A 87 -16.80 2.36 6.56
N GLN A 88 -17.34 1.97 7.73
CA GLN A 88 -17.81 2.94 8.70
C GLN A 88 -16.83 3.17 9.84
N ASN A 89 -16.23 4.35 9.89
CA ASN A 89 -15.22 4.63 10.90
C ASN A 89 -15.54 5.70 11.90
N GLU A 90 -16.72 6.29 11.82
CA GLU A 90 -17.03 7.30 12.82
C GLU A 90 -18.44 7.00 13.16
N GLY A 91 -18.68 6.11 14.10
CA GLY A 91 -20.09 5.80 14.27
C GLY A 91 -20.58 5.21 12.94
N PRO A 92 -21.80 5.49 12.48
CA PRO A 92 -22.27 4.90 11.24
C PRO A 92 -21.79 5.60 9.98
N GLN A 93 -21.01 6.65 10.16
CA GLN A 93 -20.51 7.39 9.03
C GLN A 93 -19.17 6.84 8.54
N THR A 94 -18.94 7.14 7.26
CA THR A 94 -17.69 6.89 6.59
C THR A 94 -17.02 8.28 6.54
N LEU A 95 -15.97 8.50 7.35
CA LEU A 95 -15.23 9.75 7.41
C LEU A 95 -13.94 9.61 6.61
N HIS A 96 -13.75 10.51 5.66
CA HIS A 96 -12.56 10.50 4.83
C HIS A 96 -12.14 9.13 4.35
N GLY A 97 -13.06 8.46 3.68
CA GLY A 97 -12.75 7.17 3.12
C GLY A 97 -12.71 5.97 4.04
N GLY A 98 -12.96 6.13 5.32
CA GLY A 98 -12.99 4.95 6.18
C GLY A 98 -11.70 4.65 6.89
N GLU A 99 -11.75 3.59 7.68
CA GLU A 99 -10.54 3.22 8.40
C GLU A 99 -9.37 2.82 7.50
N GLU A 100 -8.16 3.14 7.98
CA GLU A 100 -6.94 2.75 7.31
C GLU A 100 -6.98 3.00 5.83
N SER A 101 -7.39 4.20 5.52
CA SER A 101 -7.55 4.63 4.15
C SER A 101 -6.28 5.08 3.49
N ILE A 102 -6.43 5.70 2.31
CA ILE A 102 -5.27 6.16 1.52
C ILE A 102 -4.28 7.07 2.25
N HIS A 103 -4.72 7.73 3.29
CA HIS A 103 -3.83 8.61 4.03
C HIS A 103 -2.80 7.85 4.91
N THR A 104 -3.01 6.56 5.12
CA THR A 104 -2.14 5.75 5.95
C THR A 104 -1.24 4.82 5.14
N LYS A 105 -1.41 4.80 3.81
CA LYS A 105 -0.63 3.92 2.91
C LYS A 105 0.65 4.60 2.43
N LEU A 106 1.66 3.76 2.12
CA LEU A 106 2.86 4.32 1.59
C LEU A 106 2.64 4.35 0.10
N TRP A 107 2.55 5.54 -0.51
CA TRP A 107 2.34 5.61 -1.94
C TRP A 107 3.68 5.54 -2.64
N THR A 108 3.72 5.08 -3.90
CA THR A 108 4.99 5.13 -4.62
C THR A 108 5.14 6.57 -5.14
N TYR A 109 6.31 6.90 -5.61
CA TYR A 109 6.50 8.25 -6.14
C TYR A 109 7.71 8.42 -6.99
N GLU A 110 7.63 9.49 -7.81
CA GLU A 110 8.71 9.90 -8.70
C GLU A 110 8.78 11.39 -8.69
N VAL A 111 10.03 11.87 -8.65
CA VAL A 111 10.34 13.29 -8.63
C VAL A 111 10.72 13.76 -10.01
N THR A 112 10.20 14.92 -10.39
CA THR A 112 10.56 15.50 -11.66
C THR A 112 11.04 16.92 -11.39
N ASP A 113 12.31 17.17 -11.65
CA ASP A 113 12.88 18.50 -11.45
C ASP A 113 12.76 19.32 -12.73
N LEU A 114 11.96 20.36 -12.71
CA LEU A 114 11.81 21.20 -13.88
C LEU A 114 12.49 22.58 -13.72
N GLY A 115 13.43 22.70 -12.78
CA GLY A 115 14.09 23.99 -12.58
C GLY A 115 13.32 24.92 -11.67
N ALA A 116 12.56 25.84 -12.29
CA ALA A 116 11.75 26.80 -11.52
C ALA A 116 10.64 26.06 -10.77
N GLU A 117 10.32 24.83 -11.26
CA GLU A 117 9.32 23.95 -10.64
C GLU A 117 9.81 22.52 -10.42
N VAL A 118 9.46 21.94 -9.27
CA VAL A 118 9.79 20.55 -8.99
C VAL A 118 8.50 19.81 -8.67
N GLN A 119 8.31 18.64 -9.25
CA GLN A 119 7.09 17.91 -8.97
C GLN A 119 7.39 16.59 -8.30
N VAL A 120 6.48 16.18 -7.42
CA VAL A 120 6.57 14.91 -6.74
C VAL A 120 5.25 14.20 -7.00
N LYS A 121 5.27 13.19 -7.89
CA LYS A 121 4.09 12.46 -8.28
C LYS A 121 3.93 11.20 -7.47
N PHE A 122 2.91 11.21 -6.62
CA PHE A 122 2.67 10.05 -5.80
C PHE A 122 1.61 9.23 -6.50
N SER A 123 1.73 7.91 -6.38
CA SER A 123 0.81 6.96 -6.99
C SER A 123 0.38 5.89 -6.04
N LEU A 124 -0.86 5.45 -6.23
CA LEU A 124 -1.48 4.40 -5.42
C LEU A 124 -2.71 3.85 -6.12
N VAL A 125 -2.90 2.55 -5.96
CA VAL A 125 -4.07 1.89 -6.52
C VAL A 125 -4.98 1.47 -5.38
N SER A 126 -6.23 1.88 -5.47
CA SER A 126 -7.27 1.47 -4.53
C SER A 126 -7.88 0.22 -5.21
N ASN A 127 -7.74 -0.96 -4.57
CA ASN A 127 -8.27 -2.17 -5.16
C ASN A 127 -9.78 -2.14 -5.21
N ASP A 128 -10.34 -2.88 -6.17
CA ASP A 128 -11.78 -2.96 -6.25
C ASP A 128 -12.31 -3.55 -4.93
N GLY A 129 -13.23 -2.88 -4.29
CA GLY A 129 -13.82 -3.40 -3.07
C GLY A 129 -13.17 -2.86 -1.84
N THR A 130 -12.01 -2.21 -1.97
CA THR A 130 -11.30 -1.64 -0.81
C THR A 130 -12.20 -0.65 0.03
N ASN A 131 -12.46 -1.01 1.28
CA ASN A 131 -13.32 -0.19 2.13
C ASN A 131 -14.74 -0.02 1.52
N GLY A 132 -15.14 -0.95 0.65
CA GLY A 132 -16.47 -0.91 0.03
C GLY A 132 -16.54 -0.19 -1.32
N TYR A 133 -15.47 0.50 -1.71
CA TYR A 133 -15.42 1.25 -2.95
C TYR A 133 -15.15 0.44 -4.20
N PRO A 134 -16.04 0.51 -5.20
CA PRO A 134 -15.77 -0.22 -6.44
C PRO A 134 -14.49 0.34 -7.09
N GLY A 135 -13.73 -0.49 -7.83
CA GLY A 135 -12.51 -0.08 -8.52
C GLY A 135 -12.09 -1.18 -9.54
N LYS A 136 -10.78 -1.41 -9.74
CA LYS A 136 -9.68 -0.71 -9.10
C LYS A 136 -9.60 0.74 -9.55
N ILE A 137 -9.09 1.58 -8.65
CA ILE A 137 -8.90 3.00 -8.94
C ILE A 137 -7.41 3.31 -8.96
N GLU A 138 -6.90 3.67 -10.13
CA GLU A 138 -5.49 4.07 -10.20
C GLU A 138 -5.42 5.57 -9.88
N MET A 139 -4.82 5.93 -8.74
CA MET A 139 -4.74 7.35 -8.38
C MET A 139 -3.29 7.93 -8.36
N SER A 140 -3.21 9.26 -8.55
CA SER A 140 -1.94 9.96 -8.46
C SER A 140 -2.25 11.32 -7.86
N VAL A 141 -1.34 11.79 -7.08
CA VAL A 141 -1.40 13.10 -6.49
C VAL A 141 -0.01 13.70 -6.73
N THR A 142 0.00 14.75 -7.53
CA THR A 142 1.24 15.44 -7.80
C THR A 142 1.31 16.73 -7.02
N HIS A 143 2.25 16.77 -6.07
CA HIS A 143 2.55 17.94 -5.27
C HIS A 143 3.74 18.66 -5.96
N SER A 144 3.56 19.93 -6.34
CA SER A 144 4.65 20.66 -6.96
C SER A 144 4.95 21.96 -6.20
N PHE A 145 6.22 22.44 -6.31
CA PHE A 145 6.62 23.67 -5.67
C PHE A 145 7.50 24.47 -6.62
N ASP A 146 7.14 25.74 -6.73
CA ASP A 146 7.86 26.61 -7.66
C ASP A 146 8.53 27.85 -7.03
N ASP A 147 9.35 28.48 -7.88
CA ASP A 147 10.12 29.64 -7.50
C ASP A 147 9.24 30.83 -7.15
N ASP A 148 7.97 30.78 -7.49
CA ASP A 148 7.09 31.83 -7.15
C ASP A 148 6.36 31.51 -5.90
N ASN A 149 6.83 30.51 -5.15
CA ASN A 149 6.19 30.12 -3.90
C ASN A 149 4.80 29.54 -3.99
N LYS A 150 4.55 28.92 -5.14
CA LYS A 150 3.31 28.31 -5.42
C LYS A 150 3.35 26.81 -5.16
N TRP A 151 2.51 26.35 -4.24
CA TRP A 151 2.38 24.91 -3.94
C TRP A 151 1.10 24.40 -4.60
N LYS A 152 1.22 23.51 -5.61
CA LYS A 152 0.07 22.97 -6.32
C LYS A 152 -0.13 21.49 -6.08
N ILE A 153 -1.40 21.12 -5.97
CA ILE A 153 -1.83 19.77 -5.82
C ILE A 153 -2.67 19.38 -7.08
N HIS A 154 -2.20 18.39 -7.82
CA HIS A 154 -2.92 17.97 -9.00
C HIS A 154 -3.25 16.48 -8.86
N TYR A 155 -4.54 16.20 -8.76
CA TYR A 155 -5.03 14.85 -8.64
C TYR A 155 -5.50 14.30 -9.95
N GLU A 156 -5.29 13.01 -10.15
CA GLU A 156 -5.78 12.30 -11.34
C GLU A 156 -6.22 10.91 -10.90
N ALA A 157 -7.28 10.38 -11.50
CA ALA A 157 -7.74 9.05 -11.18
C ALA A 157 -8.55 8.45 -12.32
N ILE A 158 -8.50 7.11 -12.38
CA ILE A 158 -9.23 6.34 -13.36
C ILE A 158 -9.57 5.02 -12.72
N SER A 159 -10.87 4.69 -12.83
CA SER A 159 -11.49 3.49 -12.27
C SER A 159 -11.94 2.52 -13.35
N ASP A 160 -11.81 1.23 -13.03
CA ASP A 160 -12.24 0.17 -13.92
C ASP A 160 -13.72 -0.02 -13.83
N LYS A 161 -14.34 0.53 -12.77
CA LYS A 161 -15.76 0.41 -12.51
C LYS A 161 -16.40 1.72 -12.03
N ASP A 162 -17.70 1.93 -12.30
CA ASP A 162 -18.36 3.12 -11.80
C ASP A 162 -18.17 3.09 -10.29
N THR A 163 -17.79 4.22 -9.79
CA THR A 163 -17.51 4.36 -8.36
C THR A 163 -17.77 5.80 -7.95
N VAL A 164 -17.16 6.21 -6.85
CA VAL A 164 -17.26 7.55 -6.32
C VAL A 164 -15.85 8.07 -6.02
N PHE A 165 -15.61 9.34 -6.30
CA PHE A 165 -14.30 9.89 -6.07
C PHE A 165 -14.33 11.40 -5.81
N ASN A 166 -13.80 11.82 -4.64
CA ASN A 166 -13.77 13.22 -4.24
C ASN A 166 -12.76 13.43 -3.13
N PRO A 167 -11.47 13.25 -3.45
CA PRO A 167 -10.46 13.41 -2.44
C PRO A 167 -10.18 14.90 -2.17
N THR A 168 -9.35 15.12 -1.13
CA THR A 168 -8.94 16.48 -0.75
C THR A 168 -7.60 16.45 -0.05
N GLY A 169 -7.04 17.66 0.11
CA GLY A 169 -5.77 17.88 0.79
C GLY A 169 -6.14 18.42 2.18
N HIS A 170 -5.59 17.78 3.22
CA HIS A 170 -5.92 18.11 4.56
C HIS A 170 -4.88 18.92 5.32
N VAL A 171 -4.12 19.72 4.60
CA VAL A 171 -3.15 20.57 5.31
C VAL A 171 -3.87 21.51 6.33
N TYR A 172 -3.17 21.80 7.41
CA TYR A 172 -3.61 22.75 8.45
C TYR A 172 -2.63 23.95 8.42
N PHE A 173 -3.14 25.15 8.27
CA PHE A 173 -2.28 26.30 8.32
C PHE A 173 -2.18 26.84 9.75
N ASN A 174 -1.12 27.54 10.04
CA ASN A 174 -0.93 28.17 11.34
C ASN A 174 0.25 29.07 11.16
N LEU A 175 -0.06 30.27 10.73
CA LEU A 175 0.97 31.24 10.47
C LEU A 175 1.70 31.73 11.71
N ASN A 176 1.31 31.29 12.89
CA ASN A 176 2.02 31.68 14.10
C ASN A 176 3.28 30.81 14.20
N GLY A 177 3.27 29.78 13.36
CA GLY A 177 4.38 28.81 13.32
C GLY A 177 4.50 28.03 14.61
N ASP A 178 3.40 27.90 15.38
CA ASP A 178 3.42 27.22 16.66
C ASP A 178 1.98 26.89 17.03
N ALA A 179 1.75 25.58 17.18
CA ALA A 179 0.46 24.97 17.49
C ALA A 179 -0.20 25.43 18.78
N SER A 180 0.62 25.92 19.73
CA SER A 180 0.05 26.37 20.97
C SER A 180 -0.54 27.76 20.82
N GLU A 181 -0.43 28.35 19.63
CA GLU A 181 -1.00 29.70 19.41
C GLU A 181 -2.24 29.76 18.49
N SER A 182 -3.41 30.06 19.05
CA SER A 182 -4.65 30.16 18.28
C SER A 182 -4.58 30.95 16.97
N VAL A 183 -5.28 30.49 15.95
CA VAL A 183 -5.29 31.23 14.67
C VAL A 183 -6.31 32.35 14.68
N GLU A 184 -6.88 32.58 15.88
CA GLU A 184 -7.86 33.65 16.14
C GLU A 184 -7.38 35.00 15.61
N ASN A 185 -6.05 35.18 15.63
CA ASN A 185 -5.43 36.42 15.19
C ASN A 185 -5.23 36.50 13.69
N HIS A 186 -5.59 35.46 12.95
CA HIS A 186 -5.44 35.56 11.51
C HIS A 186 -6.71 36.19 10.90
N GLY A 187 -6.53 36.82 9.75
CA GLY A 187 -7.56 37.44 8.95
C GLY A 187 -7.88 36.39 7.86
N LEU A 188 -9.16 36.25 7.56
CA LEU A 188 -9.71 35.33 6.57
C LEU A 188 -10.66 36.03 5.63
N ARG A 189 -10.40 35.84 4.35
CA ARG A 189 -11.25 36.34 3.27
C ARG A 189 -11.72 35.13 2.47
N LEU A 190 -13.00 35.02 2.21
CA LEU A 190 -13.51 33.85 1.51
C LEU A 190 -14.66 34.23 0.60
N ALA A 191 -14.49 33.91 -0.67
CA ALA A 191 -15.46 34.21 -1.69
C ALA A 191 -16.65 33.23 -1.76
N ALA A 192 -17.36 33.11 -0.62
CA ALA A 192 -18.51 32.22 -0.58
C ALA A 192 -19.63 32.91 0.15
N SER A 193 -20.82 32.92 -0.42
CA SER A 193 -22.05 33.54 0.18
C SER A 193 -22.98 32.53 0.86
N ARG A 194 -22.60 31.24 0.88
CA ARG A 194 -23.39 30.14 1.44
C ARG A 194 -22.50 29.10 2.11
N PHE A 195 -23.10 28.43 3.08
CA PHE A 195 -22.47 27.37 3.82
C PHE A 195 -23.48 26.25 4.01
N VAL A 196 -22.97 25.08 4.34
CA VAL A 196 -23.76 23.89 4.54
C VAL A 196 -23.77 23.54 6.04
N PRO A 197 -24.88 23.84 6.70
CA PRO A 197 -25.00 23.56 8.13
C PRO A 197 -25.00 22.05 8.41
N LEU A 198 -24.56 21.69 9.62
CA LEU A 198 -24.52 20.31 10.03
C LEU A 198 -25.76 19.99 10.84
N LYS A 199 -26.17 18.73 10.89
CA LYS A 199 -27.39 18.41 11.61
C LYS A 199 -27.27 18.42 13.13
N ASP A 200 -26.18 17.89 13.61
CA ASP A 200 -25.96 17.79 15.02
C ASP A 200 -24.53 17.35 15.26
N GLN A 201 -24.25 16.90 16.47
CA GLN A 201 -22.93 16.45 16.87
C GLN A 201 -22.32 15.34 15.99
N THR A 202 -23.18 14.58 15.31
CA THR A 202 -22.70 13.55 14.41
C THR A 202 -22.09 14.22 13.19
N GLU A 203 -22.43 15.48 12.96
CA GLU A 203 -21.83 16.16 11.86
C GLU A 203 -22.28 15.83 10.48
N ILE A 204 -23.37 15.09 10.33
CA ILE A 204 -23.84 14.83 8.99
C ILE A 204 -24.52 16.11 8.51
N VAL A 205 -24.62 16.26 7.20
CA VAL A 205 -25.25 17.46 6.67
C VAL A 205 -26.72 17.55 7.12
N ARG A 206 -27.16 18.74 7.51
CA ARG A 206 -28.53 18.77 7.95
C ARG A 206 -29.55 18.69 6.82
N GLY A 207 -29.19 19.13 5.62
CA GLY A 207 -30.06 19.03 4.46
C GLY A 207 -30.28 20.33 3.69
N ASP A 208 -29.98 21.46 4.31
CA ASP A 208 -30.20 22.74 3.68
C ASP A 208 -28.93 23.49 3.43
N ILE A 209 -29.06 24.50 2.59
CA ILE A 209 -28.00 25.40 2.20
C ILE A 209 -28.39 26.73 2.79
N VAL A 210 -27.48 27.33 3.51
CA VAL A 210 -27.77 28.57 4.17
C VAL A 210 -26.99 29.74 3.68
N ASP A 211 -27.69 30.86 3.50
CA ASP A 211 -27.06 32.09 3.07
C ASP A 211 -26.18 32.65 4.21
N ILE A 212 -24.90 32.99 4.00
CA ILE A 212 -24.08 33.50 5.13
C ILE A 212 -24.04 34.99 5.25
N LYS A 213 -24.71 35.67 4.33
CA LYS A 213 -24.73 37.15 4.39
C LYS A 213 -25.30 37.64 5.72
N ASN A 214 -24.54 38.47 6.40
CA ASN A 214 -24.87 39.04 7.70
C ASN A 214 -24.81 38.06 8.81
N THR A 215 -23.80 37.22 8.70
CA THR A 215 -23.62 36.25 9.73
C THR A 215 -22.18 36.39 10.12
N ASP A 216 -21.82 35.80 11.24
CA ASP A 216 -20.44 35.88 11.60
C ASP A 216 -19.60 35.00 10.67
N LEU A 217 -20.27 34.23 9.80
CA LEU A 217 -19.57 33.39 8.85
C LEU A 217 -19.42 34.02 7.48
N ASP A 218 -19.71 35.31 7.39
CA ASP A 218 -19.54 36.00 6.11
C ASP A 218 -18.14 36.53 6.06
N PHE A 219 -17.23 35.96 5.21
CA PHE A 219 -15.82 36.32 5.10
C PHE A 219 -15.49 36.90 3.74
N ARG A 220 -16.56 37.28 3.02
CA ARG A 220 -16.40 37.88 1.70
C ARG A 220 -15.52 39.13 1.78
N GLN A 221 -15.61 39.83 2.92
CA GLN A 221 -14.78 40.96 3.23
C GLN A 221 -13.89 40.43 4.34
N GLU A 222 -12.58 40.61 4.19
CA GLU A 222 -11.70 40.06 5.20
C GLU A 222 -12.14 40.35 6.62
N LYS A 223 -11.99 39.35 7.47
CA LYS A 223 -12.30 39.52 8.87
C LYS A 223 -11.44 38.62 9.76
N GLN A 224 -11.24 39.02 11.00
CA GLN A 224 -10.46 38.25 11.92
C GLN A 224 -11.22 37.01 12.33
N LEU A 225 -10.56 35.87 12.30
CA LEU A 225 -11.22 34.64 12.70
C LEU A 225 -11.84 34.72 14.10
N SER A 226 -11.34 35.66 14.92
CA SER A 226 -11.85 35.82 16.28
C SER A 226 -13.35 36.01 16.28
N ASN A 227 -13.79 36.77 15.30
CA ASN A 227 -15.19 37.08 15.12
C ASN A 227 -15.98 35.80 14.97
N ALA A 228 -15.45 34.88 14.18
CA ALA A 228 -16.24 33.69 14.07
C ALA A 228 -16.14 32.84 15.32
N PHE A 229 -14.96 32.75 15.88
CA PHE A 229 -14.80 31.96 17.08
C PHE A 229 -15.67 32.42 18.23
N ASN A 230 -15.91 33.71 18.24
CA ASN A 230 -16.69 34.38 19.30
C ASN A 230 -18.16 34.41 19.07
N SER A 231 -18.56 34.07 17.87
CA SER A 231 -19.96 34.05 17.52
C SER A 231 -20.83 33.17 18.41
N ASN A 232 -22.11 33.56 18.47
CA ASN A 232 -23.15 32.83 19.21
C ASN A 232 -24.00 32.01 18.26
N MET A 233 -23.60 32.04 16.98
CA MET A 233 -24.26 31.28 15.92
C MET A 233 -24.43 29.83 16.36
N GLU A 234 -25.65 29.32 16.20
CA GLU A 234 -25.92 27.96 16.59
C GLU A 234 -24.89 27.01 15.95
N GLN A 235 -24.58 27.24 14.66
CA GLN A 235 -23.66 26.40 13.94
C GLN A 235 -22.24 26.46 14.50
N VAL A 236 -21.85 27.65 14.97
CA VAL A 236 -20.54 27.83 15.55
C VAL A 236 -20.46 27.17 16.92
N GLN A 237 -21.53 27.31 17.68
CA GLN A 237 -21.54 26.70 19.00
C GLN A 237 -21.60 25.21 18.91
N LEU A 238 -22.22 24.78 17.85
CA LEU A 238 -22.34 23.36 17.68
C LEU A 238 -21.00 22.66 17.63
N VAL A 239 -20.07 23.16 16.80
CA VAL A 239 -18.71 22.53 16.61
C VAL A 239 -17.60 23.14 17.42
N LYS A 240 -17.92 24.30 18.03
CA LYS A 240 -16.98 25.02 18.82
C LYS A 240 -15.90 25.62 17.97
N GLY A 241 -16.37 26.17 16.86
CA GLY A 241 -15.48 26.82 15.91
C GLY A 241 -16.14 26.70 14.57
N ILE A 242 -15.33 26.29 13.57
CA ILE A 242 -15.79 26.05 12.19
C ILE A 242 -15.40 24.61 11.81
N ASP A 243 -16.31 23.96 11.10
CA ASP A 243 -16.17 22.58 10.63
C ASP A 243 -17.22 22.43 9.57
N HIS A 244 -17.13 23.27 8.57
CA HIS A 244 -18.18 23.26 7.60
C HIS A 244 -17.75 23.50 6.18
N PRO A 245 -18.61 23.07 5.25
CA PRO A 245 -18.38 23.33 3.83
C PRO A 245 -18.95 24.71 3.47
N PHE A 246 -18.16 25.44 2.71
CA PHE A 246 -18.54 26.76 2.26
C PHE A 246 -18.65 26.65 0.76
N LEU A 247 -19.73 27.21 0.20
CA LEU A 247 -19.96 27.11 -1.24
C LEU A 247 -19.46 28.28 -2.01
N LEU A 248 -18.50 28.04 -2.89
CA LEU A 248 -17.91 29.10 -3.68
C LEU A 248 -18.89 29.76 -4.63
N ASP A 249 -18.84 31.09 -4.67
CA ASP A 249 -19.75 31.82 -5.54
C ASP A 249 -19.37 31.78 -7.01
N GLN A 250 -18.06 31.76 -7.29
CA GLN A 250 -17.55 31.75 -8.66
C GLN A 250 -16.52 30.61 -8.81
N LEU A 251 -16.79 29.67 -9.72
CA LEU A 251 -15.90 28.56 -9.89
C LEU A 251 -14.86 28.84 -10.91
N GLY A 252 -13.76 28.09 -10.78
CA GLY A 252 -12.64 28.22 -11.68
C GLY A 252 -11.38 28.58 -10.96
N LEU A 253 -10.29 27.97 -11.44
CA LEU A 253 -8.92 28.08 -10.93
C LEU A 253 -8.27 29.50 -10.93
N ASP A 254 -8.74 30.39 -11.80
CA ASP A 254 -8.17 31.71 -11.90
C ASP A 254 -8.51 32.64 -10.73
N LYS A 255 -9.63 32.39 -10.10
CA LYS A 255 -10.01 33.27 -9.03
C LYS A 255 -9.41 32.91 -7.67
N GLU A 256 -8.98 33.93 -6.91
CA GLU A 256 -8.46 33.70 -5.57
C GLU A 256 -9.68 33.46 -4.67
N GLN A 257 -9.93 32.21 -4.37
CA GLN A 257 -11.08 31.77 -3.58
C GLN A 257 -11.07 32.18 -2.11
N ALA A 258 -9.88 32.17 -1.52
CA ALA A 258 -9.72 32.50 -0.10
C ALA A 258 -8.32 33.01 0.13
N ARG A 259 -8.18 33.71 1.23
CA ARG A 259 -6.91 34.28 1.65
C ARG A 259 -6.83 34.30 3.15
N LEU A 260 -5.70 33.79 3.63
CA LEU A 260 -5.41 33.74 5.05
C LEU A 260 -4.19 34.62 5.32
N THR A 261 -4.36 35.63 6.19
CA THR A 261 -3.25 36.57 6.50
C THR A 261 -2.91 36.77 7.94
N LEU A 262 -1.63 36.90 8.20
CA LEU A 262 -1.11 37.20 9.53
C LEU A 262 0.08 38.10 9.32
N ASP A 263 -0.11 39.36 9.74
CA ASP A 263 0.93 40.37 9.57
C ASP A 263 1.33 40.49 8.08
N ASP A 264 2.60 40.28 7.72
CA ASP A 264 3.02 40.43 6.31
C ASP A 264 2.87 39.15 5.48
N THR A 265 2.46 38.10 6.19
CA THR A 265 2.34 36.79 5.55
C THR A 265 0.97 36.38 5.18
N SER A 266 0.84 35.96 3.93
CA SER A 266 -0.47 35.50 3.48
C SER A 266 -0.45 34.27 2.57
N ILE A 267 -1.52 33.48 2.60
CA ILE A 267 -1.64 32.27 1.78
C ILE A 267 -2.94 32.43 0.99
N SER A 268 -2.81 32.39 -0.33
CA SER A 268 -3.93 32.47 -1.25
C SER A 268 -4.31 31.04 -1.67
N VAL A 269 -5.61 30.83 -1.84
CA VAL A 269 -6.20 29.53 -2.22
C VAL A 269 -6.93 29.59 -3.54
N PHE A 270 -6.53 28.72 -4.47
CA PHE A 270 -7.11 28.57 -5.79
C PHE A 270 -7.50 27.08 -5.96
N THR A 271 -8.58 26.79 -6.70
CA THR A 271 -9.00 25.42 -6.91
C THR A 271 -10.03 25.36 -8.01
N ASP A 272 -10.22 24.17 -8.59
CA ASP A 272 -11.24 24.06 -9.60
C ASP A 272 -12.44 23.37 -8.96
N GLN A 273 -12.38 23.19 -7.64
CA GLN A 273 -13.48 22.58 -6.89
C GLN A 273 -14.51 23.63 -6.50
N PRO A 274 -15.73 23.15 -6.23
CA PRO A 274 -16.84 24.01 -5.92
C PRO A 274 -16.98 24.43 -4.47
N SER A 275 -16.34 23.72 -3.57
CA SER A 275 -16.47 24.11 -2.19
C SER A 275 -15.14 24.02 -1.44
N ILE A 276 -15.07 24.74 -0.30
CA ILE A 276 -13.95 24.66 0.56
C ILE A 276 -14.47 24.29 1.93
N VAL A 277 -14.00 23.16 2.45
CA VAL A 277 -14.40 22.72 3.77
C VAL A 277 -13.37 23.27 4.76
N ILE A 278 -13.86 24.06 5.72
CA ILE A 278 -12.95 24.71 6.69
C ILE A 278 -13.12 24.13 8.07
N PHE A 279 -12.02 23.65 8.62
CA PHE A 279 -11.97 23.07 9.96
C PHE A 279 -10.92 23.79 10.81
N THR A 280 -11.39 24.37 11.92
CA THR A 280 -10.49 25.14 12.77
C THR A 280 -9.88 24.45 13.99
N ALA A 281 -9.57 23.18 13.84
CA ALA A 281 -8.92 22.39 14.91
C ALA A 281 -9.60 22.61 16.26
N ASN A 282 -10.88 22.31 16.30
CA ASN A 282 -11.72 22.50 17.49
C ASN A 282 -11.48 21.43 18.55
N PHE A 283 -10.20 21.12 18.75
CA PHE A 283 -9.81 20.07 19.69
C PHE A 283 -9.91 20.28 21.19
N GLY A 284 -10.30 21.46 21.65
CA GLY A 284 -10.37 21.66 23.09
C GLY A 284 -9.00 21.42 23.75
N ASP A 285 -9.01 20.65 24.85
CA ASP A 285 -7.89 20.30 25.68
C ASP A 285 -7.06 19.14 25.20
N LEU A 286 -7.42 18.60 24.06
CA LEU A 286 -6.69 17.49 23.60
C LEU A 286 -5.14 17.72 23.69
N GLY A 287 -4.68 18.87 23.25
CA GLY A 287 -3.28 19.23 23.35
C GLY A 287 -2.32 18.39 22.52
N THR A 288 -2.74 17.88 21.34
CA THR A 288 -1.81 17.12 20.49
C THR A 288 -0.47 17.86 20.33
N LEU A 289 0.64 17.15 20.47
CA LEU A 289 1.96 17.77 20.37
C LEU A 289 2.53 17.91 18.97
N TYR A 290 2.84 19.14 18.58
CA TYR A 290 3.44 19.44 17.28
C TYR A 290 4.72 20.19 17.50
N HIS A 291 5.81 19.52 17.16
CA HIS A 291 7.12 20.12 17.38
C HIS A 291 7.26 20.45 18.86
N GLU A 292 6.75 19.55 19.69
CA GLU A 292 6.86 19.72 21.12
C GLU A 292 5.93 20.78 21.72
N LYS A 293 5.18 21.44 20.85
CA LYS A 293 4.23 22.46 21.30
C LYS A 293 2.87 21.83 21.49
N LYS A 294 2.34 21.97 22.70
CA LYS A 294 1.02 21.41 22.98
C LYS A 294 -0.05 22.16 22.17
N GLN A 295 -0.79 21.49 21.26
CA GLN A 295 -1.77 22.25 20.45
C GLN A 295 -2.94 22.81 21.19
N VAL A 296 -3.25 24.09 20.90
CA VAL A 296 -4.39 24.73 21.50
C VAL A 296 -5.66 24.65 20.63
N HIS A 297 -6.79 24.77 21.32
CA HIS A 297 -8.05 24.81 20.64
C HIS A 297 -7.94 25.93 19.60
N HIS A 298 -8.29 25.64 18.38
CA HIS A 298 -8.18 26.62 17.33
C HIS A 298 -6.73 26.83 16.90
N GLY A 299 -5.86 25.86 17.21
CA GLY A 299 -4.44 26.01 16.81
C GLY A 299 -4.15 25.62 15.34
N GLY A 300 -5.12 25.79 14.42
CA GLY A 300 -4.90 25.43 13.01
C GLY A 300 -6.13 25.62 12.17
N ILE A 301 -6.00 25.70 10.84
CA ILE A 301 -7.21 25.86 10.07
C ILE A 301 -7.03 25.23 8.71
N THR A 302 -8.01 24.41 8.27
CA THR A 302 -7.86 23.77 6.95
C THR A 302 -8.59 24.53 5.87
N PHE A 303 -8.32 24.16 4.61
CA PHE A 303 -9.01 24.68 3.45
C PHE A 303 -9.10 23.52 2.50
N GLU A 304 -10.03 22.62 2.81
CA GLU A 304 -10.24 21.37 2.04
C GLU A 304 -11.10 21.62 0.82
N CYS A 305 -10.41 21.78 -0.31
CA CYS A 305 -11.08 22.05 -1.58
C CYS A 305 -11.63 20.75 -2.15
N GLN A 306 -12.96 20.70 -2.36
CA GLN A 306 -13.54 19.51 -2.87
C GLN A 306 -14.99 19.76 -3.23
N VAL A 307 -15.70 18.71 -3.65
CA VAL A 307 -17.12 18.85 -3.88
C VAL A 307 -17.64 18.80 -2.44
N SER A 308 -18.64 19.59 -2.08
CA SER A 308 -19.08 19.57 -0.70
C SER A 308 -19.57 18.22 -0.18
N PRO A 309 -19.25 17.87 1.08
CA PRO A 309 -19.80 16.66 1.63
C PRO A 309 -21.33 16.86 1.63
N GLY A 310 -22.08 15.78 1.73
CA GLY A 310 -23.53 15.74 1.81
C GLY A 310 -24.29 15.70 0.51
N SER A 311 -23.63 15.51 -0.63
CA SER A 311 -24.32 15.51 -1.91
C SER A 311 -25.27 14.31 -2.02
N GLU A 312 -25.07 13.34 -1.11
CA GLU A 312 -25.94 12.17 -1.05
C GLU A 312 -27.34 12.61 -0.64
N GLN A 313 -27.42 13.70 0.14
CA GLN A 313 -28.66 14.26 0.65
C GLN A 313 -29.08 15.56 0.01
N ILE A 314 -28.13 16.29 -0.58
CA ILE A 314 -28.40 17.57 -1.22
C ILE A 314 -27.74 17.59 -2.57
N PRO A 315 -28.39 16.97 -3.51
CA PRO A 315 -27.89 16.83 -4.86
C PRO A 315 -27.37 18.11 -5.51
N GLU A 316 -27.97 19.24 -5.09
CA GLU A 316 -27.58 20.52 -5.60
C GLU A 316 -26.07 20.74 -5.42
N LEU A 317 -25.50 20.17 -4.36
CA LEU A 317 -24.08 20.30 -4.06
C LEU A 317 -23.17 19.72 -5.13
N GLY A 318 -23.64 18.76 -5.86
CA GLY A 318 -22.80 18.16 -6.91
C GLY A 318 -23.03 16.63 -6.97
N ASP A 319 -22.19 15.99 -7.76
CA ASP A 319 -22.25 14.56 -7.98
C ASP A 319 -20.84 14.04 -7.96
N ILE A 320 -20.52 13.21 -6.95
CA ILE A 320 -19.14 12.71 -6.91
C ILE A 320 -18.93 11.42 -7.70
N SER A 321 -19.88 11.06 -8.49
CA SER A 321 -19.75 9.85 -9.26
C SER A 321 -18.54 9.90 -10.19
N LEU A 322 -17.88 8.75 -10.32
CA LEU A 322 -16.77 8.60 -11.22
C LEU A 322 -17.09 7.38 -12.09
N LYS A 323 -17.35 7.59 -13.39
CA LYS A 323 -17.67 6.43 -14.26
C LYS A 323 -16.39 5.69 -14.66
N ALA A 324 -16.58 4.39 -14.93
CA ALA A 324 -15.46 3.58 -15.35
C ALA A 324 -14.80 4.22 -16.58
N GLY A 325 -13.48 4.25 -16.60
CA GLY A 325 -12.74 4.80 -17.75
C GLY A 325 -12.69 6.33 -17.80
N GLU A 326 -13.54 7.02 -17.02
CA GLU A 326 -13.44 8.45 -17.08
C GLU A 326 -12.22 8.91 -16.29
N LYS A 327 -11.58 9.95 -16.80
CA LYS A 327 -10.39 10.53 -16.21
C LYS A 327 -10.69 11.66 -15.23
N TYR A 328 -10.63 11.35 -13.95
CA TYR A 328 -10.84 12.38 -12.95
C TYR A 328 -9.61 13.31 -12.81
N GLN A 329 -9.88 14.62 -12.71
CA GLN A 329 -8.84 15.62 -12.47
C GLN A 329 -9.30 16.63 -11.43
N ALA A 330 -8.36 17.05 -10.62
CA ALA A 330 -8.62 18.08 -9.62
C ALA A 330 -7.33 18.90 -9.41
N THR A 331 -7.50 20.21 -9.25
CA THR A 331 -6.36 21.08 -9.01
C THR A 331 -6.57 22.07 -7.90
N THR A 332 -5.64 22.10 -6.99
CA THR A 332 -5.72 23.05 -5.89
C THR A 332 -4.36 23.67 -5.66
N ILE A 333 -4.35 25.00 -5.51
CA ILE A 333 -3.14 25.78 -5.33
C ILE A 333 -3.13 26.64 -4.06
N TYR A 334 -2.01 26.56 -3.31
CA TYR A 334 -1.77 27.38 -2.12
C TYR A 334 -0.56 28.23 -2.47
N SER A 335 -0.77 29.56 -2.51
CA SER A 335 0.25 30.54 -2.90
C SER A 335 0.69 31.39 -1.74
N LEU A 336 1.98 31.36 -1.44
CA LEU A 336 2.55 32.14 -0.34
C LEU A 336 3.05 33.52 -0.77
N HIS A 337 2.69 34.53 0.00
CA HIS A 337 3.11 35.93 -0.25
C HIS A 337 3.61 36.57 0.99
N THR A 338 4.58 37.46 0.76
CA THR A 338 5.18 38.26 1.81
C THR A 338 5.09 39.76 1.56
N LYS A 339 4.37 40.44 2.42
CA LYS A 339 4.25 41.86 2.30
C LYS A 339 5.62 42.49 2.56
N LEU A 340 6.08 43.27 1.60
CA LEU A 340 7.36 43.91 1.74
C LEU A 340 7.16 45.40 2.05
N SER B 2 26.15 -6.67 9.56
CA SER B 2 25.95 -5.27 9.30
C SER B 2 24.73 -5.07 8.43
N ILE B 3 24.06 -3.99 8.67
CA ILE B 3 22.85 -3.61 7.98
C ILE B 3 23.02 -2.31 7.25
N LYS B 4 22.44 -2.19 6.06
CA LYS B 4 22.49 -0.96 5.26
C LYS B 4 21.11 -0.76 4.66
N ILE B 5 20.72 0.51 4.47
CA ILE B 5 19.43 0.83 3.87
C ILE B 5 19.60 1.87 2.78
N ARG B 6 18.82 1.79 1.72
CA ARG B 6 18.96 2.82 0.72
C ARG B 6 17.72 2.81 -0.11
N ASP B 7 17.51 3.83 -0.92
CA ASP B 7 16.35 3.86 -1.78
C ASP B 7 16.54 2.82 -2.87
N PHE B 8 15.48 2.10 -3.24
CA PHE B 8 15.56 1.05 -4.25
C PHE B 8 14.79 1.45 -5.51
N GLY B 9 14.11 2.63 -5.44
CA GLY B 9 13.34 3.15 -6.56
C GLY B 9 11.85 3.28 -6.25
N LEU B 10 11.25 4.31 -6.86
CA LEU B 10 9.79 4.54 -6.70
C LEU B 10 9.34 4.70 -5.27
N GLY B 11 10.27 4.98 -4.35
CA GLY B 11 9.91 5.17 -2.96
C GLY B 11 10.16 3.94 -2.12
N SER B 12 10.52 2.83 -2.80
CA SER B 12 10.80 1.60 -2.09
C SER B 12 12.20 1.63 -1.54
N ASP B 13 12.47 0.83 -0.52
CA ASP B 13 13.80 0.80 0.04
C ASP B 13 14.42 -0.57 -0.12
N LEU B 14 15.76 -0.61 -0.01
CA LEU B 14 16.49 -1.86 -0.05
C LEU B 14 17.16 -2.00 1.32
N ILE B 15 16.89 -3.13 2.02
CA ILE B 15 17.48 -3.40 3.32
C ILE B 15 18.48 -4.52 3.08
N SER B 16 19.75 -4.22 3.30
CA SER B 16 20.78 -5.19 3.04
C SER B 16 21.51 -5.70 4.25
N LEU B 17 21.53 -7.02 4.39
CA LEU B 17 22.18 -7.63 5.51
C LEU B 17 23.40 -8.44 5.10
N THR B 18 24.37 -8.43 6.01
CA THR B 18 25.64 -9.15 5.96
C THR B 18 25.78 -9.88 7.28
N ASN B 19 25.90 -11.21 7.26
CA ASN B 19 26.02 -11.91 8.50
C ASN B 19 27.50 -12.07 8.83
N LYS B 20 27.81 -12.62 9.99
CA LYS B 20 29.18 -12.81 10.38
C LYS B 20 29.99 -13.64 9.37
N ALA B 21 29.35 -14.59 8.72
CA ALA B 21 30.08 -15.39 7.74
C ALA B 21 30.36 -14.63 6.44
N GLY B 22 29.81 -13.44 6.29
CA GLY B 22 30.02 -12.67 5.08
C GLY B 22 28.96 -12.88 3.99
N VAL B 23 27.96 -13.73 4.31
CA VAL B 23 26.85 -14.01 3.41
C VAL B 23 25.96 -12.78 3.40
N THR B 24 25.51 -12.38 2.20
CA THR B 24 24.68 -11.20 2.09
C THR B 24 23.29 -11.57 1.60
N ILE B 25 22.31 -10.80 2.03
CA ILE B 25 20.93 -11.03 1.62
C ILE B 25 20.21 -9.68 1.58
N SER B 26 19.22 -9.54 0.69
CA SER B 26 18.56 -8.23 0.61
C SER B 26 17.07 -8.35 0.39
N PHE B 27 16.35 -7.32 0.86
CA PHE B 27 14.88 -7.27 0.79
C PHE B 27 14.38 -5.87 0.49
N THR B 28 13.18 -5.79 -0.06
CA THR B 28 12.56 -4.49 -0.35
C THR B 28 11.16 -4.50 0.21
N ASN B 29 10.67 -3.35 0.64
CA ASN B 29 9.33 -3.23 1.22
C ASN B 29 8.28 -3.27 0.11
N LEU B 30 8.75 -3.26 -1.17
CA LEU B 30 7.78 -3.39 -2.25
C LEU B 30 7.40 -4.89 -2.34
N GLY B 31 6.30 -5.22 -1.70
CA GLY B 31 5.86 -6.61 -1.69
C GLY B 31 6.59 -7.48 -0.66
N ALA B 32 7.10 -6.88 0.42
CA ALA B 32 7.79 -7.63 1.51
C ALA B 32 8.53 -8.77 0.88
N ARG B 33 9.39 -8.39 -0.03
CA ARG B 33 10.10 -9.29 -0.90
C ARG B 33 11.60 -9.44 -0.72
N ILE B 34 12.10 -10.65 -1.01
CA ILE B 34 13.56 -10.94 -1.01
C ILE B 34 14.08 -10.46 -2.36
N VAL B 35 15.17 -9.67 -2.39
CA VAL B 35 15.67 -9.20 -3.71
C VAL B 35 16.91 -9.99 -4.17
N ASP B 36 17.78 -10.30 -3.20
CA ASP B 36 19.02 -11.05 -3.53
C ASP B 36 19.52 -11.83 -2.31
N TRP B 37 20.39 -12.78 -2.58
CA TRP B 37 21.06 -13.67 -1.61
C TRP B 37 22.30 -14.12 -2.34
N GLN B 38 23.44 -13.70 -1.82
CA GLN B 38 24.74 -13.97 -2.46
C GLN B 38 25.74 -14.63 -1.54
N LYS B 39 26.51 -15.53 -2.18
CA LYS B 39 27.58 -16.26 -1.52
C LYS B 39 28.80 -16.08 -2.39
N ASP B 40 29.87 -15.49 -1.81
CA ASP B 40 31.09 -15.29 -2.59
C ASP B 40 30.87 -14.65 -3.96
N GLY B 41 29.97 -13.64 -3.98
CA GLY B 41 29.64 -12.85 -5.16
C GLY B 41 28.72 -13.54 -6.18
N LYS B 42 28.23 -14.73 -5.82
CA LYS B 42 27.33 -15.52 -6.69
C LYS B 42 25.89 -15.41 -6.23
N HIS B 43 25.01 -15.02 -7.13
CA HIS B 43 23.61 -14.93 -6.76
C HIS B 43 23.03 -16.32 -6.53
N LEU B 44 22.29 -16.54 -5.45
CA LEU B 44 21.65 -17.81 -5.19
C LEU B 44 20.20 -17.84 -5.66
N ILE B 45 19.61 -16.65 -5.84
CA ILE B 45 18.22 -16.50 -6.26
C ILE B 45 18.14 -15.54 -7.43
N LEU B 46 16.93 -15.44 -8.02
CA LEU B 46 16.68 -14.49 -9.12
C LEU B 46 16.19 -13.19 -8.50
N GLY B 47 16.53 -12.05 -9.08
CA GLY B 47 16.05 -10.76 -8.56
C GLY B 47 16.49 -9.71 -9.56
N PHE B 48 15.93 -8.52 -9.42
CA PHE B 48 16.23 -7.37 -10.30
C PHE B 48 17.08 -6.35 -9.55
N ASP B 49 17.40 -5.27 -10.26
CA ASP B 49 18.24 -4.24 -9.67
C ASP B 49 17.59 -2.98 -9.11
N SER B 50 16.31 -2.82 -9.41
CA SER B 50 15.54 -1.69 -8.91
C SER B 50 14.07 -2.08 -8.89
N ALA B 51 13.30 -1.28 -8.17
CA ALA B 51 11.86 -1.49 -8.03
C ALA B 51 11.12 -1.47 -9.38
N LYS B 52 11.42 -0.50 -10.25
CA LYS B 52 10.74 -0.46 -11.51
C LYS B 52 10.82 -1.77 -12.30
N GLU B 53 11.94 -2.51 -12.20
CA GLU B 53 12.06 -3.77 -12.95
C GLU B 53 11.07 -4.80 -12.48
N TYR B 54 10.74 -4.82 -11.17
CA TYR B 54 9.75 -5.75 -10.68
C TYR B 54 8.37 -5.42 -11.24
N LEU B 55 8.10 -4.12 -11.29
CA LEU B 55 6.84 -3.63 -11.77
C LEU B 55 6.71 -3.71 -13.26
N GLU B 56 7.85 -3.62 -13.95
CA GLU B 56 7.80 -3.65 -15.42
C GLU B 56 7.99 -5.01 -16.04
N LYS B 57 8.74 -5.84 -15.35
CA LYS B 57 9.02 -7.15 -15.90
C LYS B 57 8.15 -8.21 -15.27
N ASP B 58 8.25 -8.35 -13.98
CA ASP B 58 7.51 -9.39 -13.29
C ASP B 58 7.50 -9.06 -11.81
N ALA B 59 6.29 -8.85 -11.28
CA ALA B 59 6.11 -8.46 -9.91
C ALA B 59 6.11 -9.55 -8.88
N TYR B 60 6.15 -10.82 -9.32
CA TYR B 60 6.14 -11.94 -8.40
C TYR B 60 7.46 -12.39 -7.80
N PRO B 61 8.55 -12.37 -8.57
CA PRO B 61 9.81 -12.89 -8.02
C PRO B 61 10.21 -12.41 -6.64
N GLY B 62 10.45 -13.37 -5.74
CA GLY B 62 10.85 -13.10 -4.35
C GLY B 62 9.76 -12.46 -3.45
N ALA B 63 8.59 -12.11 -3.98
CA ALA B 63 7.56 -11.42 -3.19
C ALA B 63 6.80 -12.29 -2.25
N THR B 64 6.14 -11.60 -1.35
CA THR B 64 5.16 -12.18 -0.45
C THR B 64 3.89 -12.09 -1.29
N VAL B 65 3.22 -13.25 -1.54
CA VAL B 65 1.96 -13.25 -2.32
C VAL B 65 0.77 -13.65 -1.44
N GLY B 66 -0.39 -13.02 -1.66
CA GLY B 66 -1.56 -13.36 -0.86
C GLY B 66 -2.66 -12.40 -1.21
N PRO B 67 -3.71 -12.36 -0.41
CA PRO B 67 -3.84 -13.17 0.80
C PRO B 67 -3.82 -14.68 0.63
N THR B 68 -4.16 -15.10 -0.57
CA THR B 68 -4.22 -16.50 -0.92
C THR B 68 -3.29 -16.78 -2.09
N ALA B 69 -2.31 -17.64 -1.83
CA ALA B 69 -1.35 -18.03 -2.85
C ALA B 69 -1.94 -19.13 -3.74
N GLY B 70 -1.70 -19.00 -5.03
CA GLY B 70 -2.21 -20.00 -5.98
C GLY B 70 -3.48 -19.59 -6.67
N ARG B 71 -4.06 -20.57 -7.41
CA ARG B 71 -5.31 -20.36 -8.14
C ARG B 71 -6.55 -20.80 -7.39
N ILE B 72 -7.56 -19.90 -7.37
CA ILE B 72 -8.86 -20.18 -6.79
C ILE B 72 -9.85 -20.15 -7.94
N LYS B 73 -10.41 -21.33 -8.15
CA LYS B 73 -11.38 -21.54 -9.23
C LYS B 73 -12.59 -20.59 -9.16
N ASP B 74 -12.80 -19.83 -10.29
CA ASP B 74 -13.90 -18.87 -10.43
C ASP B 74 -13.89 -17.84 -9.32
N GLY B 75 -12.76 -17.74 -8.65
CA GLY B 75 -12.60 -16.80 -7.55
C GLY B 75 -13.54 -17.08 -6.38
N LEU B 76 -14.23 -18.20 -6.39
CA LEU B 76 -15.16 -18.50 -5.31
C LEU B 76 -14.61 -19.26 -4.08
N VAL B 77 -14.86 -18.62 -2.93
CA VAL B 77 -14.47 -19.21 -1.66
C VAL B 77 -15.73 -19.21 -0.81
N LYS B 78 -15.83 -20.11 0.16
CA LYS B 78 -16.98 -20.14 1.01
C LYS B 78 -16.59 -19.67 2.37
N ILE B 79 -17.22 -18.60 2.86
CA ILE B 79 -16.87 -18.06 4.18
C ILE B 79 -18.03 -18.07 5.14
N SER B 80 -17.78 -18.82 6.20
CA SER B 80 -18.75 -19.02 7.22
C SER B 80 -20.17 -19.23 6.66
N GLY B 81 -20.25 -20.16 5.69
CA GLY B 81 -21.51 -20.52 5.05
C GLY B 81 -21.85 -19.73 3.80
N LYS B 82 -21.13 -18.65 3.58
CA LYS B 82 -21.46 -17.91 2.40
C LYS B 82 -20.32 -17.82 1.41
N ASP B 83 -20.75 -17.77 0.15
CA ASP B 83 -19.90 -17.68 -0.99
C ASP B 83 -19.48 -16.27 -1.19
N TYR B 84 -18.22 -16.11 -1.58
CA TYR B 84 -17.70 -14.80 -1.87
C TYR B 84 -16.91 -14.92 -3.15
N ILE B 85 -17.09 -13.98 -4.05
CA ILE B 85 -16.29 -13.99 -5.26
C ILE B 85 -15.09 -13.03 -5.05
N LEU B 86 -13.89 -13.53 -5.32
CA LEU B 86 -12.72 -12.68 -5.14
C LEU B 86 -12.32 -12.09 -6.46
N ASN B 87 -11.40 -11.12 -6.41
CA ASN B 87 -10.95 -10.48 -7.63
C ASN B 87 -10.48 -11.52 -8.64
N GLN B 88 -10.93 -11.39 -9.85
CA GLN B 88 -10.58 -12.33 -10.90
C GLN B 88 -9.60 -11.69 -11.85
N ASN B 89 -8.36 -12.18 -11.76
CA ASN B 89 -7.29 -11.65 -12.54
C ASN B 89 -6.68 -12.60 -13.52
N GLU B 90 -7.18 -13.83 -13.60
CA GLU B 90 -6.60 -14.78 -14.56
C GLU B 90 -7.79 -15.50 -15.12
N GLY B 91 -8.38 -14.90 -16.15
CA GLY B 91 -9.59 -15.50 -16.64
C GLY B 91 -10.52 -15.34 -15.42
N PRO B 92 -11.33 -16.32 -15.14
CA PRO B 92 -12.25 -16.28 -14.01
C PRO B 92 -11.64 -16.70 -12.68
N GLN B 93 -10.34 -16.98 -12.71
CA GLN B 93 -9.66 -17.40 -11.52
C GLN B 93 -9.07 -16.21 -10.77
N THR B 94 -8.92 -16.43 -9.46
CA THR B 94 -8.23 -15.50 -8.59
C THR B 94 -6.84 -16.13 -8.40
N LEU B 95 -5.81 -15.53 -8.99
CA LEU B 95 -4.42 -16.04 -8.89
C LEU B 95 -3.64 -15.12 -7.93
N HIS B 96 -3.03 -15.75 -6.94
CA HIS B 96 -2.24 -14.99 -6.00
C HIS B 96 -2.92 -13.74 -5.44
N GLY B 97 -4.15 -13.88 -4.93
CA GLY B 97 -4.83 -12.76 -4.30
C GLY B 97 -5.39 -11.72 -5.24
N GLY B 98 -5.32 -11.98 -6.57
CA GLY B 98 -5.89 -11.05 -7.50
C GLY B 98 -4.96 -9.92 -7.96
N GLU B 99 -5.56 -9.02 -8.73
CA GLU B 99 -4.82 -7.92 -9.30
C GLU B 99 -4.30 -6.94 -8.29
N GLU B 100 -3.13 -6.37 -8.64
CA GLU B 100 -2.51 -5.36 -7.82
C GLU B 100 -2.63 -5.64 -6.33
N SER B 101 -2.32 -6.87 -6.02
CA SER B 101 -2.36 -7.35 -4.65
C SER B 101 -1.14 -6.93 -3.82
N ILE B 102 -0.99 -7.60 -2.68
CA ILE B 102 0.04 -7.33 -1.65
C ILE B 102 1.48 -7.29 -2.17
N HIS B 103 1.76 -8.10 -3.22
CA HIS B 103 3.12 -8.11 -3.75
C HIS B 103 3.44 -6.77 -4.47
N THR B 104 2.41 -5.96 -4.74
CA THR B 104 2.61 -4.69 -5.43
C THR B 104 2.54 -3.44 -4.53
N LYS B 105 2.29 -3.61 -3.25
CA LYS B 105 2.22 -2.48 -2.30
C LYS B 105 3.54 -2.23 -1.57
N LEU B 106 3.71 -0.97 -1.07
CA LEU B 106 4.87 -0.61 -0.26
C LEU B 106 4.47 -0.85 1.19
N TRP B 107 4.99 -1.92 1.78
CA TRP B 107 4.65 -2.21 3.18
C TRP B 107 5.49 -1.32 4.09
N THR B 108 5.00 -1.00 5.26
CA THR B 108 5.89 -0.25 6.13
C THR B 108 6.81 -1.34 6.72
N TYR B 109 7.91 -0.97 7.40
CA TYR B 109 8.79 -1.96 8.04
C TYR B 109 9.65 -1.31 9.14
N GLU B 110 10.11 -2.16 10.04
CA GLU B 110 11.02 -1.81 11.15
C GLU B 110 12.02 -2.99 11.27
N VAL B 111 13.26 -2.63 11.50
CA VAL B 111 14.33 -3.59 11.59
C VAL B 111 14.73 -3.82 13.01
N THR B 112 14.79 -5.07 13.44
CA THR B 112 15.25 -5.27 14.77
C THR B 112 16.59 -6.03 14.72
N ASP B 113 17.66 -5.41 15.23
CA ASP B 113 18.99 -6.01 15.23
C ASP B 113 19.24 -6.81 16.51
N LEU B 114 19.32 -8.13 16.42
CA LEU B 114 19.56 -8.96 17.60
C LEU B 114 20.99 -9.46 17.68
N GLY B 115 21.82 -8.91 16.83
CA GLY B 115 23.23 -9.28 16.80
C GLY B 115 23.45 -10.44 15.85
N ALA B 116 23.30 -11.67 16.37
CA ALA B 116 23.52 -12.84 15.51
C ALA B 116 22.40 -13.05 14.49
N GLU B 117 21.28 -12.37 14.73
CA GLU B 117 20.12 -12.40 13.90
C GLU B 117 19.53 -11.01 13.70
N VAL B 118 19.19 -10.71 12.45
CA VAL B 118 18.57 -9.45 12.13
C VAL B 118 17.21 -9.72 11.53
N GLN B 119 16.14 -9.08 12.05
CA GLN B 119 14.76 -9.20 11.59
C GLN B 119 14.27 -7.90 10.91
N VAL B 120 13.59 -8.11 9.78
CA VAL B 120 12.99 -7.05 9.00
C VAL B 120 11.49 -7.33 8.95
N LYS B 121 10.78 -6.65 9.81
CA LYS B 121 9.34 -6.88 9.87
C LYS B 121 8.58 -5.87 9.02
N PHE B 122 7.95 -6.41 8.00
CA PHE B 122 7.12 -5.64 7.10
C PHE B 122 5.64 -5.75 7.50
N SER B 123 4.95 -4.59 7.50
CA SER B 123 3.54 -4.56 7.86
C SER B 123 2.67 -3.92 6.81
N LEU B 124 1.47 -4.45 6.72
CA LEU B 124 0.49 -3.97 5.81
C LEU B 124 -0.91 -4.36 6.25
N VAL B 125 -1.85 -3.45 5.97
CA VAL B 125 -3.25 -3.71 6.26
C VAL B 125 -3.98 -3.91 4.96
N SER B 126 -4.68 -5.02 4.89
CA SER B 126 -5.52 -5.33 3.76
C SER B 126 -6.90 -4.85 4.20
N ASN B 127 -7.40 -3.76 3.61
CA ASN B 127 -8.71 -3.27 4.07
C ASN B 127 -9.87 -4.29 3.85
N ASP B 128 -10.93 -4.14 4.62
CA ASP B 128 -12.08 -4.97 4.49
C ASP B 128 -12.57 -4.79 3.06
N GLY B 129 -12.86 -5.88 2.37
CA GLY B 129 -13.36 -5.78 1.01
C GLY B 129 -12.30 -5.72 -0.08
N THR B 130 -11.02 -5.49 0.28
CA THR B 130 -9.94 -5.41 -0.73
C THR B 130 -9.91 -6.71 -1.60
N ASN B 131 -10.12 -6.53 -2.90
CA ASN B 131 -10.08 -7.64 -3.80
C ASN B 131 -11.12 -8.68 -3.44
N GLY B 132 -12.13 -8.27 -2.66
CA GLY B 132 -13.19 -9.18 -2.30
C GLY B 132 -12.92 -9.86 -0.98
N TYR B 133 -11.72 -9.68 -0.40
CA TYR B 133 -11.46 -10.36 0.89
C TYR B 133 -12.09 -9.68 2.12
N PRO B 134 -12.87 -10.42 2.92
CA PRO B 134 -13.39 -9.76 4.13
C PRO B 134 -12.23 -9.44 5.00
N GLY B 135 -12.39 -8.35 5.79
CA GLY B 135 -11.27 -8.01 6.66
C GLY B 135 -11.76 -7.01 7.66
N LYS B 136 -10.94 -6.13 8.02
CA LYS B 136 -9.62 -5.85 7.57
C LYS B 136 -8.55 -6.77 8.14
N ILE B 137 -7.50 -6.94 7.39
CA ILE B 137 -6.49 -7.88 7.88
C ILE B 137 -5.20 -7.20 8.16
N GLU B 138 -4.75 -7.27 9.40
CA GLU B 138 -3.48 -6.66 9.77
C GLU B 138 -2.40 -7.71 9.61
N MET B 139 -1.56 -7.53 8.58
CA MET B 139 -0.56 -8.52 8.28
C MET B 139 0.82 -8.05 8.54
N SER B 140 1.68 -8.98 8.83
CA SER B 140 3.10 -8.70 8.97
C SER B 140 3.91 -9.90 8.42
N VAL B 141 5.01 -9.58 7.76
CA VAL B 141 5.89 -10.58 7.24
C VAL B 141 7.28 -10.26 7.75
N THR B 142 7.82 -11.16 8.57
CA THR B 142 9.14 -10.93 9.09
C THR B 142 10.18 -11.80 8.38
N HIS B 143 11.08 -11.13 7.67
CA HIS B 143 12.18 -11.77 7.00
C HIS B 143 13.39 -11.58 7.91
N SER B 144 14.01 -12.66 8.33
CA SER B 144 15.18 -12.57 9.20
C SER B 144 16.34 -13.39 8.66
N PHE B 145 17.56 -12.95 8.99
CA PHE B 145 18.79 -13.65 8.57
C PHE B 145 19.68 -13.75 9.77
N ASP B 146 20.33 -14.94 9.92
CA ASP B 146 21.22 -15.15 11.07
C ASP B 146 22.64 -15.63 10.68
N ASP B 147 23.47 -15.70 11.70
CA ASP B 147 24.85 -16.12 11.49
C ASP B 147 24.98 -17.56 11.11
N ASP B 148 23.87 -18.30 11.25
CA ASP B 148 23.80 -19.72 10.87
C ASP B 148 23.34 -19.93 9.45
N ASN B 149 23.26 -18.83 8.70
CA ASN B 149 22.84 -18.90 7.30
C ASN B 149 21.40 -19.27 7.07
N LYS B 150 20.59 -19.02 8.09
CA LYS B 150 19.17 -19.28 8.01
C LYS B 150 18.37 -18.01 7.67
N TRP B 151 17.66 -18.06 6.55
CA TRP B 151 16.77 -17.01 6.09
C TRP B 151 15.34 -17.49 6.47
N LYS B 152 14.75 -16.90 7.50
CA LYS B 152 13.46 -17.31 7.90
C LYS B 152 12.38 -16.28 7.52
N ILE B 153 11.24 -16.82 7.16
CA ILE B 153 10.04 -16.02 6.85
C ILE B 153 8.95 -16.41 7.86
N HIS B 154 8.56 -15.43 8.68
CA HIS B 154 7.52 -15.61 9.69
C HIS B 154 6.31 -14.68 9.40
N TYR B 155 5.17 -15.29 9.10
CA TYR B 155 3.93 -14.58 8.77
C TYR B 155 3.01 -14.51 9.99
N GLU B 156 2.33 -13.38 10.13
CA GLU B 156 1.33 -13.15 11.20
C GLU B 156 0.19 -12.35 10.63
N ALA B 157 -1.03 -12.67 11.07
CA ALA B 157 -2.21 -11.95 10.60
C ALA B 157 -3.38 -12.17 11.53
N ILE B 158 -4.19 -11.11 11.60
CA ILE B 158 -5.44 -11.05 12.36
C ILE B 158 -6.47 -10.25 11.57
N SER B 159 -7.62 -10.86 11.37
CA SER B 159 -8.72 -10.28 10.65
C SER B 159 -9.85 -9.86 11.59
N ASP B 160 -10.52 -8.78 11.19
CA ASP B 160 -11.63 -8.25 11.92
C ASP B 160 -12.82 -9.11 11.64
N LYS B 161 -12.81 -9.79 10.50
CA LYS B 161 -13.93 -10.63 10.06
C LYS B 161 -13.44 -11.99 9.60
N ASP B 162 -14.30 -13.00 9.63
CA ASP B 162 -13.91 -14.30 9.15
C ASP B 162 -13.52 -14.12 7.69
N THR B 163 -12.43 -14.72 7.30
CA THR B 163 -11.99 -14.55 5.92
C THR B 163 -11.16 -15.76 5.49
N VAL B 164 -10.37 -15.64 4.44
CA VAL B 164 -9.49 -16.76 4.04
C VAL B 164 -8.04 -16.22 4.03
N PHE B 165 -7.05 -17.04 4.37
CA PHE B 165 -5.69 -16.50 4.41
C PHE B 165 -4.69 -17.64 4.23
N ASN B 166 -3.85 -17.55 3.20
CA ASN B 166 -2.84 -18.56 2.94
C ASN B 166 -1.77 -17.99 1.99
N PRO B 167 -0.92 -17.08 2.52
CA PRO B 167 0.13 -16.43 1.72
C PRO B 167 1.36 -17.32 1.57
N THR B 168 2.29 -16.91 0.71
CA THR B 168 3.53 -17.68 0.54
C THR B 168 4.63 -16.72 0.05
N GLY B 169 5.88 -17.23 0.05
CA GLY B 169 7.08 -16.53 -0.42
C GLY B 169 7.42 -17.09 -1.81
N HIS B 170 7.50 -16.19 -2.78
CA HIS B 170 7.73 -16.48 -4.18
C HIS B 170 9.16 -16.36 -4.70
N VAL B 171 10.09 -16.67 -3.82
CA VAL B 171 11.49 -16.68 -4.21
C VAL B 171 11.75 -17.73 -5.26
N TYR B 172 12.66 -17.39 -6.18
CA TYR B 172 13.08 -18.32 -7.20
C TYR B 172 14.57 -18.58 -6.99
N PHE B 173 14.98 -19.84 -6.89
CA PHE B 173 16.39 -20.14 -6.79
C PHE B 173 16.97 -20.43 -8.18
N ASN B 174 18.23 -20.17 -8.31
CA ASN B 174 19.00 -20.48 -9.49
C ASN B 174 20.45 -20.45 -9.02
N LEU B 175 20.95 -21.62 -8.61
CA LEU B 175 22.29 -21.74 -8.04
C LEU B 175 23.40 -21.47 -9.04
N ASN B 176 22.99 -21.31 -10.29
CA ASN B 176 23.98 -21.00 -11.31
C ASN B 176 24.39 -19.54 -11.20
N GLY B 177 23.60 -18.74 -10.46
CA GLY B 177 23.88 -17.30 -10.31
C GLY B 177 23.65 -16.53 -11.64
N ASP B 178 23.05 -17.19 -12.67
CA ASP B 178 22.78 -16.56 -13.99
C ASP B 178 21.49 -17.10 -14.54
N ALA B 179 20.50 -16.21 -14.83
CA ALA B 179 19.19 -16.64 -15.33
C ALA B 179 19.21 -17.31 -16.70
N SER B 180 20.30 -17.14 -17.42
CA SER B 180 20.30 -17.77 -18.73
C SER B 180 20.80 -19.22 -18.63
N GLU B 181 21.03 -19.71 -17.42
CA GLU B 181 21.47 -21.06 -17.26
C GLU B 181 20.39 -21.82 -16.54
N SER B 182 19.89 -22.88 -17.22
CA SER B 182 18.81 -23.73 -16.70
C SER B 182 19.14 -24.39 -15.36
N VAL B 183 18.14 -24.57 -14.50
CA VAL B 183 18.37 -25.22 -13.24
C VAL B 183 18.31 -26.74 -13.44
N GLU B 184 18.28 -27.20 -14.71
CA GLU B 184 18.23 -28.65 -14.97
C GLU B 184 19.38 -29.39 -14.31
N ASN B 185 20.51 -28.68 -14.10
CA ASN B 185 21.74 -29.24 -13.53
C ASN B 185 21.77 -29.33 -12.01
N HIS B 186 20.65 -28.93 -11.37
CA HIS B 186 20.57 -28.97 -9.92
C HIS B 186 19.93 -30.27 -9.48
N GLY B 187 20.31 -30.74 -8.28
CA GLY B 187 19.75 -31.94 -7.74
C GLY B 187 18.69 -31.54 -6.73
N LEU B 188 17.53 -32.23 -6.80
CA LEU B 188 16.46 -31.96 -5.90
C LEU B 188 16.11 -33.19 -5.09
N ARG B 189 15.92 -32.99 -3.78
CA ARG B 189 15.41 -34.02 -2.93
C ARG B 189 14.16 -33.35 -2.37
N LEU B 190 13.03 -34.06 -2.39
CA LEU B 190 11.76 -33.54 -1.92
C LEU B 190 10.97 -34.63 -1.18
N ALA B 191 10.62 -34.37 0.09
CA ALA B 191 9.90 -35.36 0.91
C ALA B 191 8.39 -35.42 0.68
N ALA B 192 8.04 -35.72 -0.58
CA ALA B 192 6.66 -35.81 -1.04
C ALA B 192 6.42 -36.97 -1.99
N SER B 193 5.35 -37.72 -1.68
CA SER B 193 4.95 -38.90 -2.46
C SER B 193 3.72 -38.67 -3.32
N ARG B 194 3.13 -37.47 -3.16
CA ARG B 194 1.93 -37.12 -3.91
C ARG B 194 1.97 -35.71 -4.41
N PHE B 195 1.26 -35.51 -5.51
CA PHE B 195 1.09 -34.20 -6.11
C PHE B 195 -0.34 -33.94 -6.55
N VAL B 196 -0.61 -32.69 -6.84
CA VAL B 196 -1.93 -32.25 -7.25
C VAL B 196 -1.93 -31.83 -8.75
N PRO B 197 -2.51 -32.67 -9.61
CA PRO B 197 -2.55 -32.40 -11.04
C PRO B 197 -3.54 -31.31 -11.37
N LEU B 198 -3.26 -30.62 -12.42
CA LEU B 198 -4.09 -29.52 -12.85
C LEU B 198 -5.03 -29.96 -13.94
N LYS B 199 -6.19 -29.34 -14.02
CA LYS B 199 -7.12 -29.81 -15.03
C LYS B 199 -6.67 -29.66 -16.48
N ASP B 200 -6.24 -28.46 -16.82
CA ASP B 200 -5.85 -28.09 -18.15
C ASP B 200 -5.01 -26.81 -18.09
N GLN B 201 -4.87 -26.13 -19.25
CA GLN B 201 -4.13 -24.88 -19.31
C GLN B 201 -4.65 -23.77 -18.36
N THR B 202 -5.87 -23.87 -17.88
CA THR B 202 -6.31 -22.82 -16.97
C THR B 202 -5.64 -22.98 -15.63
N GLU B 203 -5.14 -24.16 -15.45
CA GLU B 203 -4.40 -24.45 -14.25
C GLU B 203 -5.14 -24.61 -12.96
N ILE B 204 -6.46 -24.65 -13.01
CA ILE B 204 -7.15 -24.96 -11.77
C ILE B 204 -6.88 -26.45 -11.44
N VAL B 205 -7.04 -26.84 -10.16
CA VAL B 205 -6.79 -28.24 -9.78
C VAL B 205 -7.77 -29.18 -10.46
N ARG B 206 -7.31 -30.37 -10.80
CA ARG B 206 -8.21 -31.28 -11.50
C ARG B 206 -9.25 -31.91 -10.59
N GLY B 207 -8.91 -32.15 -9.35
CA GLY B 207 -9.87 -32.73 -8.43
C GLY B 207 -9.31 -33.91 -7.68
N ASP B 208 -8.27 -34.54 -8.25
CA ASP B 208 -7.67 -35.71 -7.62
C ASP B 208 -6.23 -35.45 -7.12
N ILE B 209 -5.76 -36.37 -6.25
CA ILE B 209 -4.42 -36.39 -5.68
C ILE B 209 -3.74 -37.58 -6.28
N VAL B 210 -2.64 -37.35 -7.00
CA VAL B 210 -1.89 -38.40 -7.65
C VAL B 210 -0.62 -38.88 -6.94
N ASP B 211 -0.41 -40.20 -6.87
CA ASP B 211 0.80 -40.80 -6.27
C ASP B 211 1.96 -40.74 -7.27
N ILE B 212 3.07 -40.10 -6.90
CA ILE B 212 4.18 -39.95 -7.84
C ILE B 212 5.42 -40.82 -7.65
N LYS B 213 5.34 -41.76 -6.69
CA LYS B 213 6.44 -42.68 -6.43
C LYS B 213 6.90 -43.32 -7.68
N ASN B 214 8.21 -43.36 -7.85
CA ASN B 214 8.82 -43.97 -9.00
C ASN B 214 8.46 -43.40 -10.36
N THR B 215 8.12 -42.12 -10.42
CA THR B 215 7.86 -41.48 -11.69
C THR B 215 8.95 -40.44 -11.81
N ASP B 216 8.93 -39.70 -12.90
CA ASP B 216 9.92 -38.66 -13.07
C ASP B 216 9.72 -37.48 -12.13
N LEU B 217 8.66 -37.50 -11.30
CA LEU B 217 8.34 -36.43 -10.35
C LEU B 217 8.58 -36.92 -8.94
N ASP B 218 9.24 -38.10 -8.86
CA ASP B 218 9.59 -38.67 -7.57
C ASP B 218 11.01 -38.22 -7.19
N PHE B 219 11.12 -37.24 -6.26
CA PHE B 219 12.40 -36.69 -5.77
C PHE B 219 12.72 -37.10 -4.34
N ARG B 220 12.03 -38.12 -3.82
CA ARG B 220 12.33 -38.53 -2.45
C ARG B 220 13.83 -38.75 -2.24
N GLN B 221 14.44 -39.40 -3.24
CA GLN B 221 15.87 -39.65 -3.30
C GLN B 221 16.35 -38.59 -4.29
N GLU B 222 17.40 -37.85 -3.91
CA GLU B 222 17.86 -36.82 -4.80
C GLU B 222 18.08 -37.25 -6.23
N LYS B 223 17.63 -36.43 -7.17
CA LYS B 223 17.84 -36.66 -8.60
C LYS B 223 17.90 -35.32 -9.31
N GLN B 224 18.50 -35.29 -10.47
CA GLN B 224 18.63 -34.06 -11.19
C GLN B 224 17.28 -33.52 -11.71
N LEU B 225 17.16 -32.18 -11.78
CA LEU B 225 15.92 -31.61 -12.26
C LEU B 225 15.65 -31.94 -13.71
N SER B 226 16.71 -32.16 -14.48
CA SER B 226 16.56 -32.54 -15.87
C SER B 226 15.63 -33.77 -16.05
N ASN B 227 15.54 -34.66 -15.01
CA ASN B 227 14.71 -35.86 -15.10
C ASN B 227 13.22 -35.50 -15.23
N ALA B 228 12.87 -34.43 -14.53
CA ALA B 228 11.51 -33.92 -14.58
C ALA B 228 11.29 -33.14 -15.87
N PHE B 229 12.22 -32.28 -16.21
CA PHE B 229 12.06 -31.46 -17.41
C PHE B 229 11.98 -32.26 -18.66
N ASN B 230 12.71 -33.36 -18.68
CA ASN B 230 12.71 -34.20 -19.89
C ASN B 230 11.50 -35.15 -20.01
N SER B 231 10.77 -35.27 -18.90
CA SER B 231 9.63 -36.15 -18.80
C SER B 231 8.51 -35.84 -19.75
N ASN B 232 7.88 -36.87 -20.28
CA ASN B 232 6.74 -36.66 -21.15
C ASN B 232 5.44 -36.96 -20.41
N MET B 233 5.52 -37.06 -19.10
CA MET B 233 4.32 -37.27 -18.33
C MET B 233 3.31 -36.21 -18.78
N GLU B 234 2.02 -36.53 -18.73
CA GLU B 234 0.98 -35.60 -19.14
C GLU B 234 1.05 -34.25 -18.43
N GLN B 235 1.22 -34.31 -17.11
CA GLN B 235 1.28 -33.08 -16.31
C GLN B 235 2.49 -32.21 -16.62
N VAL B 236 3.61 -32.85 -16.93
CA VAL B 236 4.79 -32.14 -17.28
C VAL B 236 4.60 -31.41 -18.60
N GLN B 237 4.10 -32.14 -19.58
CA GLN B 237 3.88 -31.52 -20.89
C GLN B 237 2.85 -30.39 -20.86
N LEU B 238 1.86 -30.57 -19.98
CA LEU B 238 0.79 -29.60 -19.89
C LEU B 238 1.37 -28.20 -19.57
N VAL B 239 2.24 -28.13 -18.57
CA VAL B 239 2.85 -26.88 -18.08
C VAL B 239 4.27 -26.62 -18.58
N LYS B 240 4.82 -27.55 -19.38
CA LYS B 240 6.19 -27.45 -19.92
C LYS B 240 7.25 -27.37 -18.80
N GLY B 241 7.03 -28.21 -17.79
CA GLY B 241 7.91 -28.27 -16.63
C GLY B 241 7.08 -28.60 -15.39
N ILE B 242 7.38 -27.94 -14.26
CA ILE B 242 6.66 -28.16 -13.00
C ILE B 242 5.98 -26.82 -12.66
N ASP B 243 4.73 -26.91 -12.18
CA ASP B 243 3.87 -25.81 -11.78
C ASP B 243 2.80 -26.44 -10.94
N HIS B 244 3.25 -27.13 -9.90
CA HIS B 244 2.35 -27.93 -9.09
C HIS B 244 2.62 -27.98 -7.63
N PRO B 245 1.53 -28.26 -6.91
CA PRO B 245 1.60 -28.46 -5.48
C PRO B 245 2.03 -29.92 -5.21
N PHE B 246 2.98 -30.05 -4.28
CA PHE B 246 3.49 -31.33 -3.82
C PHE B 246 3.01 -31.49 -2.38
N LEU B 247 2.50 -32.66 -2.04
CA LEU B 247 2.04 -32.86 -0.68
C LEU B 247 3.08 -33.44 0.22
N LEU B 248 3.42 -32.73 1.24
CA LEU B 248 4.46 -33.25 2.12
C LEU B 248 3.99 -34.52 2.85
N ASP B 249 4.86 -35.52 2.84
CA ASP B 249 4.55 -36.80 3.49
C ASP B 249 4.54 -36.70 4.98
N GLN B 250 5.43 -35.89 5.53
CA GLN B 250 5.50 -35.73 6.98
C GLN B 250 5.58 -34.26 7.34
N LEU B 251 4.71 -33.84 8.27
CA LEU B 251 4.62 -32.43 8.67
C LEU B 251 5.46 -32.02 9.87
N GLY B 252 5.82 -30.72 9.91
CA GLY B 252 6.60 -30.17 11.00
C GLY B 252 7.84 -29.42 10.53
N LEU B 253 8.09 -28.26 11.15
CA LEU B 253 9.23 -27.34 10.86
C LEU B 253 10.63 -27.98 11.07
N ASP B 254 10.66 -29.02 11.87
CA ASP B 254 11.88 -29.73 12.18
C ASP B 254 12.43 -30.59 11.05
N LYS B 255 11.57 -30.99 10.11
CA LYS B 255 12.01 -31.85 9.01
C LYS B 255 12.53 -31.12 7.79
N GLU B 256 13.66 -31.57 7.23
CA GLU B 256 14.19 -31.00 6.00
C GLU B 256 13.28 -31.53 4.88
N GLN B 257 12.35 -30.68 4.45
CA GLN B 257 11.37 -31.09 3.46
C GLN B 257 11.90 -31.18 2.05
N ALA B 258 12.87 -30.34 1.77
CA ALA B 258 13.45 -30.31 0.44
C ALA B 258 14.85 -29.79 0.46
N ARG B 259 15.61 -30.20 -0.52
CA ARG B 259 16.97 -29.73 -0.61
C ARG B 259 17.35 -29.53 -2.06
N LEU B 260 17.85 -28.36 -2.38
CA LEU B 260 18.28 -28.04 -3.74
C LEU B 260 19.79 -27.87 -3.70
N THR B 261 20.49 -28.70 -4.50
CA THR B 261 21.92 -28.66 -4.50
C THR B 261 22.57 -28.45 -5.88
N LEU B 262 23.63 -27.64 -5.85
CA LEU B 262 24.48 -27.40 -7.01
C LEU B 262 25.95 -27.40 -6.54
N ASP B 263 26.73 -28.41 -7.00
CA ASP B 263 28.12 -28.53 -6.62
C ASP B 263 28.23 -28.50 -5.07
N ASP B 264 29.00 -27.60 -4.50
CA ASP B 264 29.07 -27.61 -3.04
C ASP B 264 27.95 -26.89 -2.30
N THR B 265 27.16 -26.13 -3.04
CA THR B 265 26.12 -25.32 -2.45
C THR B 265 24.75 -25.95 -2.41
N SER B 266 24.13 -25.81 -1.23
CA SER B 266 22.81 -26.36 -1.12
C SER B 266 21.88 -25.47 -0.31
N ILE B 267 20.60 -25.53 -0.66
CA ILE B 267 19.55 -24.79 0.04
C ILE B 267 18.58 -25.82 0.65
N SER B 268 18.38 -25.79 1.96
CA SER B 268 17.45 -26.72 2.60
C SER B 268 16.16 -25.96 2.91
N VAL B 269 15.00 -26.64 2.80
CA VAL B 269 13.69 -26.01 3.03
C VAL B 269 12.94 -26.65 4.19
N PHE B 270 12.54 -25.81 5.15
CA PHE B 270 11.76 -26.28 6.31
C PHE B 270 10.50 -25.44 6.34
N THR B 271 9.41 -26.03 6.82
CA THR B 271 8.18 -25.25 6.88
C THR B 271 7.18 -25.85 7.83
N ASP B 272 6.21 -25.02 8.28
CA ASP B 272 5.17 -25.57 9.14
C ASP B 272 3.90 -25.86 8.27
N GLN B 273 3.98 -25.53 6.97
CA GLN B 273 2.95 -25.73 5.95
C GLN B 273 2.89 -27.17 5.43
N PRO B 274 1.76 -27.60 4.87
CA PRO B 274 1.57 -28.98 4.41
C PRO B 274 1.97 -29.25 2.95
N SER B 275 2.18 -28.21 2.14
CA SER B 275 2.59 -28.50 0.78
C SER B 275 3.63 -27.51 0.30
N ILE B 276 4.26 -27.83 -0.82
CA ILE B 276 5.24 -26.95 -1.43
C ILE B 276 4.84 -26.91 -2.87
N VAL B 277 4.51 -25.72 -3.36
CA VAL B 277 4.10 -25.55 -4.72
C VAL B 277 5.38 -25.23 -5.48
N ILE B 278 5.68 -26.01 -6.48
CA ILE B 278 6.90 -25.80 -7.25
C ILE B 278 6.62 -25.32 -8.66
N PHE B 279 7.27 -24.22 -9.04
CA PHE B 279 7.17 -23.64 -10.36
C PHE B 279 8.60 -23.44 -10.88
N THR B 280 8.88 -24.01 -12.06
CA THR B 280 10.19 -23.99 -12.67
C THR B 280 10.37 -23.02 -13.82
N ALA B 281 9.78 -21.85 -13.69
CA ALA B 281 9.97 -20.80 -14.69
C ALA B 281 9.89 -21.32 -16.14
N ASN B 282 8.74 -21.90 -16.45
CA ASN B 282 8.45 -22.50 -17.74
C ASN B 282 8.03 -21.46 -18.77
N PHE B 283 8.86 -20.41 -18.89
CA PHE B 283 8.59 -19.26 -19.75
C PHE B 283 8.94 -19.40 -21.22
N GLY B 284 9.43 -20.55 -21.60
CA GLY B 284 9.75 -20.71 -22.97
C GLY B 284 10.80 -19.70 -23.43
N ASP B 285 10.50 -19.03 -24.53
CA ASP B 285 11.39 -18.07 -25.15
C ASP B 285 11.20 -16.62 -24.72
N LEU B 286 10.38 -16.40 -23.65
CA LEU B 286 10.12 -15.04 -23.12
C LEU B 286 11.40 -14.22 -22.93
N GLY B 287 12.37 -14.80 -22.24
CA GLY B 287 13.64 -14.13 -22.03
C GLY B 287 13.69 -12.89 -21.14
N THR B 288 12.89 -12.84 -20.09
CA THR B 288 12.97 -11.68 -19.21
C THR B 288 14.42 -11.50 -18.78
N LEU B 289 14.92 -10.24 -18.80
CA LEU B 289 16.29 -9.95 -18.40
C LEU B 289 16.50 -9.84 -16.91
N TYR B 290 17.43 -10.65 -16.42
CA TYR B 290 17.85 -10.68 -15.01
C TYR B 290 19.32 -10.32 -15.00
N HIS B 291 19.65 -9.11 -14.52
CA HIS B 291 21.04 -8.65 -14.49
C HIS B 291 21.62 -8.70 -15.89
N GLU B 292 20.78 -8.31 -16.83
CA GLU B 292 21.14 -8.28 -18.25
C GLU B 292 21.32 -9.66 -18.85
N LYS B 293 20.91 -10.69 -18.12
CA LYS B 293 21.01 -12.05 -18.65
C LYS B 293 19.62 -12.48 -19.11
N LYS B 294 19.47 -12.95 -20.35
CA LYS B 294 18.19 -13.41 -20.91
C LYS B 294 17.76 -14.70 -20.23
N GLN B 295 16.73 -14.61 -19.38
CA GLN B 295 16.31 -15.79 -18.66
C GLN B 295 15.93 -16.90 -19.64
N VAL B 296 16.43 -18.11 -19.33
CA VAL B 296 16.14 -19.31 -20.12
C VAL B 296 14.96 -20.11 -19.59
N HIS B 297 14.32 -20.86 -20.47
CA HIS B 297 13.24 -21.74 -20.03
C HIS B 297 13.85 -22.61 -18.91
N HIS B 298 13.17 -22.69 -17.76
CA HIS B 298 13.62 -23.41 -16.60
C HIS B 298 14.79 -22.73 -15.94
N GLY B 299 14.82 -21.42 -16.11
CA GLY B 299 15.88 -20.65 -15.54
C GLY B 299 15.62 -20.33 -14.07
N GLY B 300 14.84 -21.13 -13.35
CA GLY B 300 14.63 -20.79 -11.93
C GLY B 300 13.68 -21.77 -11.31
N ILE B 301 13.64 -21.86 -9.99
CA ILE B 301 12.71 -22.79 -9.38
C ILE B 301 12.22 -22.26 -8.04
N THR B 302 10.89 -22.31 -7.81
CA THR B 302 10.33 -21.86 -6.53
C THR B 302 10.06 -23.06 -5.61
N PHE B 303 9.78 -22.75 -4.33
CA PHE B 303 9.40 -23.69 -3.29
C PHE B 303 8.45 -22.89 -2.37
N GLU B 304 7.24 -22.65 -2.86
CA GLU B 304 6.24 -21.87 -2.18
C GLU B 304 5.54 -22.74 -1.17
N CYS B 305 5.90 -22.59 0.08
CA CYS B 305 5.29 -23.41 1.11
C CYS B 305 3.99 -22.76 1.53
N GLN B 306 2.93 -23.54 1.57
CA GLN B 306 1.60 -23.02 1.94
C GLN B 306 0.63 -24.19 2.01
N VAL B 307 -0.66 -23.90 2.22
CA VAL B 307 -1.65 -24.94 2.16
C VAL B 307 -1.83 -25.12 0.65
N SER B 308 -1.85 -26.36 0.13
CA SER B 308 -2.00 -26.53 -1.31
C SER B 308 -3.23 -25.78 -1.89
N PRO B 309 -3.06 -25.24 -3.12
CA PRO B 309 -4.16 -24.59 -3.80
C PRO B 309 -5.14 -25.71 -4.16
N GLY B 310 -6.43 -25.38 -4.35
CA GLY B 310 -7.45 -26.36 -4.73
C GLY B 310 -8.28 -26.91 -3.55
N SER B 311 -8.05 -26.47 -2.30
CA SER B 311 -8.83 -27.01 -1.19
C SER B 311 -10.33 -26.71 -1.36
N GLU B 312 -10.63 -25.78 -2.27
CA GLU B 312 -12.02 -25.42 -2.54
C GLU B 312 -12.73 -26.62 -3.18
N GLN B 313 -11.98 -27.40 -3.98
CA GLN B 313 -12.53 -28.58 -4.62
C GLN B 313 -12.07 -29.86 -3.92
N ILE B 314 -10.93 -29.78 -3.24
CA ILE B 314 -10.29 -30.92 -2.56
C ILE B 314 -10.07 -30.70 -1.07
N PRO B 315 -11.17 -30.72 -0.37
CA PRO B 315 -11.17 -30.50 1.07
C PRO B 315 -10.03 -31.21 1.85
N GLU B 316 -9.56 -32.31 1.29
CA GLU B 316 -8.52 -33.08 1.94
C GLU B 316 -7.23 -32.27 2.02
N LEU B 317 -7.02 -31.37 1.03
CA LEU B 317 -5.79 -30.56 1.08
C LEU B 317 -5.72 -29.66 2.32
N GLY B 318 -6.90 -29.31 2.90
CA GLY B 318 -6.91 -28.50 4.10
C GLY B 318 -8.01 -27.41 4.07
N ASP B 319 -7.90 -26.47 4.98
CA ASP B 319 -8.85 -25.37 5.15
C ASP B 319 -8.15 -24.02 5.39
N ILE B 320 -8.24 -23.10 4.42
CA ILE B 320 -7.57 -21.82 4.56
C ILE B 320 -8.38 -20.74 5.24
N SER B 321 -9.48 -21.12 5.79
CA SER B 321 -10.25 -20.09 6.44
C SER B 321 -9.52 -19.53 7.66
N LEU B 322 -9.85 -18.25 7.99
CA LEU B 322 -9.33 -17.52 9.12
C LEU B 322 -10.49 -16.89 9.85
N LYS B 323 -10.62 -17.29 11.11
CA LYS B 323 -11.70 -16.80 11.95
C LYS B 323 -11.40 -15.45 12.46
N ALA B 324 -12.42 -14.60 12.48
CA ALA B 324 -12.20 -13.28 13.02
C ALA B 324 -11.48 -13.31 14.38
N GLY B 325 -10.43 -12.49 14.55
CA GLY B 325 -9.71 -12.38 15.82
C GLY B 325 -8.70 -13.49 16.09
N GLU B 326 -8.63 -14.50 15.23
CA GLU B 326 -7.65 -15.55 15.45
C GLU B 326 -6.32 -15.14 14.84
N LYS B 327 -5.23 -15.47 15.52
CA LYS B 327 -3.94 -15.10 15.00
C LYS B 327 -3.38 -16.14 14.06
N TYR B 328 -3.27 -15.79 12.79
CA TYR B 328 -2.67 -16.72 11.85
C TYR B 328 -1.17 -16.61 11.96
N GLN B 329 -0.50 -17.73 11.80
CA GLN B 329 0.98 -17.78 11.81
C GLN B 329 1.47 -18.83 10.84
N ALA B 330 2.60 -18.60 10.24
CA ALA B 330 3.20 -19.59 9.33
C ALA B 330 4.68 -19.32 9.37
N THR B 331 5.48 -20.35 9.19
CA THR B 331 6.94 -20.22 9.22
C THR B 331 7.58 -21.10 8.17
N THR B 332 8.40 -20.47 7.36
CA THR B 332 9.13 -21.15 6.30
C THR B 332 10.60 -20.70 6.39
N ILE B 333 11.53 -21.67 6.35
CA ILE B 333 12.96 -21.37 6.47
C ILE B 333 13.74 -21.95 5.32
N TYR B 334 14.63 -21.12 4.80
CA TYR B 334 15.51 -21.56 3.73
C TYR B 334 16.91 -21.46 4.31
N SER B 335 17.61 -22.57 4.34
CA SER B 335 18.95 -22.58 4.91
C SER B 335 20.06 -22.99 3.93
N LEU B 336 21.07 -22.15 3.96
CA LEU B 336 22.24 -22.30 3.10
C LEU B 336 23.33 -23.11 3.81
N HIS B 337 23.93 -24.01 3.03
CA HIS B 337 25.00 -24.88 3.50
C HIS B 337 25.99 -25.12 2.40
N THR B 338 27.18 -25.57 2.81
CA THR B 338 28.20 -25.90 1.82
C THR B 338 28.71 -27.28 2.11
N LYS B 339 28.95 -28.07 1.07
CA LYS B 339 29.49 -29.39 1.23
C LYS B 339 28.75 -30.35 2.16
N LEU B 340 27.41 -30.34 2.05
CA LEU B 340 26.59 -31.24 2.82
C LEU B 340 26.70 -32.65 2.30
N GLU B 341 26.80 -32.74 0.97
CA GLU B 341 26.88 -34.03 0.33
C GLU B 341 27.93 -34.00 -0.77
N HIS B 342 27.76 -34.77 -1.85
CA HIS B 342 28.77 -34.80 -2.89
C HIS B 342 28.16 -34.70 -4.27
N HIS B 343 27.78 -33.51 -4.65
CA HIS B 343 27.12 -33.26 -5.90
C HIS B 343 28.07 -32.87 -7.00
N HIS B 344 28.44 -33.85 -7.83
CA HIS B 344 29.40 -33.58 -8.93
C HIS B 344 28.86 -34.14 -10.21
N HIS B 345 28.18 -33.29 -10.99
CA HIS B 345 27.51 -33.73 -12.22
C HIS B 345 27.82 -32.84 -13.38
N HIS B 346 27.44 -33.30 -14.56
CA HIS B 346 27.65 -32.49 -15.75
C HIS B 346 26.43 -32.60 -16.63
N HIS B 347 26.15 -31.51 -17.38
CA HIS B 347 24.97 -31.37 -18.28
C HIS B 347 25.38 -30.56 -19.50
C2 BGC C . -12.98 16.05 13.63
C3 BGC C . -11.47 15.83 13.73
C4 BGC C . -10.94 15.32 12.40
C5 BGC C . -11.41 16.26 11.28
C6 BGC C . -10.98 15.73 9.91
C1 BGC C . -13.36 16.95 12.48
O1 BGC C . -14.78 17.06 12.49
O2 BGC C . -13.44 16.59 14.88
O3 BGC C . -11.14 14.88 14.78
O4 BGC C . -9.51 15.30 12.41
O5 BGC C . -12.85 16.39 11.26
O6 BGC C . -11.44 16.62 8.91
NA NA D . 12.08 4.65 2.54
C2 BGC E . 2.58 -18.61 -14.45
C3 BGC E . 3.65 -17.52 -14.28
C4 BGC E . 3.49 -16.84 -12.94
C5 BGC E . 3.50 -17.90 -11.85
C6 BGC E . 3.08 -17.29 -10.52
C1 BGC E . 2.69 -19.65 -13.35
O1 BGC E . 1.62 -20.62 -13.49
O2 BGC E . 2.72 -19.21 -15.76
O3 BGC E . 3.57 -16.49 -15.32
O4 BGC E . 4.56 -15.93 -12.67
O5 BGC E . 2.53 -18.96 -12.12
O6 BGC E . 3.25 -18.37 -9.58
#